data_2GBY
#
_entry.id   2GBY
#
_cell.length_a   171.340
_cell.length_b   171.340
_cell.length_c   94.530
_cell.angle_alpha   90.00
_cell.angle_beta   90.00
_cell.angle_gamma   90.00
#
_symmetry.space_group_name_H-M   'P 42 21 2'
#
loop_
_entity.id
_entity.type
_entity.pdbx_description
1 polymer 'HTH-type transcriptional regulator qacR'
2 non-polymer 'SULFATE ION'
3 non-polymer BERENIL
4 water water
#
_entity_poly.entity_id   1
_entity_poly.type   'polypeptide(L)'
_entity_poly.pdbx_seq_one_letter_code
;MNLKDKILGVAKELFIKNGYNATTTGEIVKLSESSKGNLYYHFKTKENLFLEILNIEESKWQEQWKKEQIKAKTNREKFY
LYNELSLTTEYYYPLQNAIIEFYTEYYKTNSINEKMNKLENKYIDAYHVIFKEGNLNGEWSINDVNAVSKIAANAVNGIV
TFTHEQNINERIKLMNKFSQIFLNGLSKHHHHHH
;
_entity_poly.pdbx_strand_id   B,D,A,E
#
loop_
_chem_comp.id
_chem_comp.type
_chem_comp.name
_chem_comp.formula
BRN non-polymer BERENIL 'C14 H15 N7'
SO4 non-polymer 'SULFATE ION' 'O4 S -2'
#
# COMPACT_ATOMS: atom_id res chain seq x y z
N ASN A 2 -36.84 -26.39 -26.16
CA ASN A 2 -37.75 -25.20 -26.03
C ASN A 2 -36.95 -23.95 -26.38
N LEU A 3 -37.62 -22.79 -26.42
CA LEU A 3 -36.94 -21.54 -26.75
C LEU A 3 -36.85 -20.62 -25.53
N LYS A 4 -37.98 -20.11 -25.09
CA LYS A 4 -38.05 -19.24 -23.92
C LYS A 4 -37.36 -19.95 -22.78
N ASP A 5 -37.80 -21.18 -22.51
CA ASP A 5 -37.25 -22.00 -21.45
C ASP A 5 -35.78 -22.32 -21.65
N LYS A 6 -35.31 -22.26 -22.90
CA LYS A 6 -33.90 -22.53 -23.13
C LYS A 6 -33.08 -21.28 -22.78
N ILE A 7 -33.70 -20.13 -22.95
CA ILE A 7 -33.07 -18.85 -22.63
C ILE A 7 -32.90 -18.81 -21.12
N LEU A 8 -34.02 -18.96 -20.40
CA LEU A 8 -34.01 -18.96 -18.95
C LEU A 8 -32.90 -19.88 -18.42
N GLY A 9 -32.72 -21.01 -19.09
CA GLY A 9 -31.71 -21.95 -18.69
C GLY A 9 -30.29 -21.42 -18.83
N VAL A 10 -30.03 -20.73 -19.93
CA VAL A 10 -28.71 -20.17 -20.18
C VAL A 10 -28.45 -19.00 -19.25
N ALA A 11 -29.42 -18.09 -19.19
CA ALA A 11 -29.32 -16.92 -18.33
C ALA A 11 -29.01 -17.36 -16.91
N LYS A 12 -29.78 -18.30 -16.39
CA LYS A 12 -29.58 -18.80 -15.04
C LYS A 12 -28.11 -19.14 -14.84
N GLU A 13 -27.52 -19.83 -15.81
CA GLU A 13 -26.11 -20.23 -15.73
C GLU A 13 -25.17 -19.04 -15.74
N LEU A 14 -25.41 -18.10 -16.65
CA LEU A 14 -24.56 -16.92 -16.73
C LEU A 14 -24.65 -16.07 -15.47
N PHE A 15 -25.83 -15.98 -14.88
CA PHE A 15 -26.01 -15.20 -13.65
C PHE A 15 -25.21 -15.79 -12.50
N ILE A 16 -24.99 -17.10 -12.55
CA ILE A 16 -24.21 -17.79 -11.52
C ILE A 16 -22.74 -17.82 -11.91
N LYS A 17 -22.44 -18.49 -13.03
CA LYS A 17 -21.07 -18.61 -13.55
C LYS A 17 -20.34 -17.26 -13.61
N ASN A 18 -21.11 -16.17 -13.61
CA ASN A 18 -20.54 -14.82 -13.65
C ASN A 18 -21.23 -13.96 -12.60
N GLY A 19 -22.23 -13.19 -13.03
CA GLY A 19 -22.95 -12.34 -12.09
C GLY A 19 -24.06 -11.60 -12.81
N TYR A 20 -24.82 -10.78 -12.10
CA TYR A 20 -25.91 -10.04 -12.74
C TYR A 20 -25.37 -9.12 -13.83
N ASN A 21 -24.53 -8.18 -13.43
CA ASN A 21 -23.91 -7.22 -14.34
C ASN A 21 -22.96 -7.96 -15.27
N ALA A 22 -22.13 -8.82 -14.69
CA ALA A 22 -21.17 -9.60 -15.45
C ALA A 22 -21.73 -10.13 -16.77
N THR A 23 -23.00 -10.51 -16.76
CA THR A 23 -23.65 -11.02 -17.97
C THR A 23 -24.62 -10.00 -18.50
N THR A 24 -24.65 -9.87 -19.83
CA THR A 24 -25.52 -8.92 -20.49
C THR A 24 -26.49 -9.63 -21.43
N THR A 25 -27.51 -8.90 -21.88
CA THR A 25 -28.51 -9.45 -22.79
C THR A 25 -27.87 -9.95 -24.08
N GLY A 26 -26.74 -9.35 -24.46
CA GLY A 26 -26.06 -9.78 -25.66
C GLY A 26 -25.54 -11.20 -25.52
N GLU A 27 -24.90 -11.48 -24.40
CA GLU A 27 -24.35 -12.81 -24.15
C GLU A 27 -25.44 -13.88 -24.24
N ILE A 28 -26.51 -13.70 -23.46
CA ILE A 28 -27.62 -14.64 -23.44
C ILE A 28 -28.07 -15.01 -24.83
N VAL A 29 -28.17 -14.00 -25.69
CA VAL A 29 -28.61 -14.21 -27.06
C VAL A 29 -27.59 -14.96 -27.92
N LYS A 30 -26.42 -14.35 -28.11
CA LYS A 30 -25.37 -14.96 -28.93
C LYS A 30 -25.08 -16.41 -28.53
N LEU A 31 -25.35 -16.75 -27.27
CA LEU A 31 -25.10 -18.11 -26.80
C LEU A 31 -26.40 -18.89 -26.65
N SER A 32 -27.29 -18.73 -27.63
CA SER A 32 -28.58 -19.43 -27.63
C SER A 32 -29.14 -19.50 -29.04
N GLU A 33 -28.30 -19.21 -30.03
CA GLU A 33 -28.69 -19.24 -31.44
C GLU A 33 -29.84 -18.29 -31.78
N SER A 34 -30.38 -17.60 -30.77
CA SER A 34 -31.45 -16.65 -31.00
C SER A 34 -30.84 -15.30 -31.38
N SER A 35 -31.69 -14.30 -31.56
CA SER A 35 -31.19 -12.98 -31.93
C SER A 35 -31.67 -11.94 -30.91
N LYS A 36 -31.16 -10.72 -31.08
CA LYS A 36 -31.52 -9.63 -30.18
C LYS A 36 -33.04 -9.42 -30.10
N GLY A 37 -33.61 -8.92 -31.18
CA GLY A 37 -35.04 -8.68 -31.22
C GLY A 37 -35.88 -9.93 -31.08
N ASN A 38 -35.84 -10.52 -29.89
CA ASN A 38 -36.61 -11.73 -29.62
C ASN A 38 -37.37 -11.56 -28.32
N LEU A 39 -36.61 -11.47 -27.23
CA LEU A 39 -37.20 -11.31 -25.92
C LEU A 39 -38.08 -10.07 -25.90
N TYR A 40 -39.37 -10.27 -25.62
CA TYR A 40 -40.31 -9.15 -25.55
C TYR A 40 -41.52 -9.42 -24.64
N TYR A 41 -42.51 -10.12 -25.16
CA TYR A 41 -43.74 -10.45 -24.42
C TYR A 41 -43.39 -11.18 -23.11
N HIS A 42 -42.36 -12.01 -23.17
CA HIS A 42 -41.89 -12.78 -22.01
C HIS A 42 -40.74 -12.07 -21.31
N PHE A 43 -39.73 -11.71 -22.10
CA PHE A 43 -38.55 -11.03 -21.57
C PHE A 43 -38.35 -9.65 -22.20
N LYS A 44 -39.06 -8.64 -21.70
CA LYS A 44 -38.91 -7.30 -22.23
C LYS A 44 -37.55 -6.73 -21.85
N THR A 45 -37.21 -6.85 -20.57
CA THR A 45 -35.94 -6.32 -20.05
C THR A 45 -35.11 -7.40 -19.33
N LYS A 46 -33.85 -7.07 -19.06
CA LYS A 46 -32.95 -7.99 -18.35
C LYS A 46 -33.42 -8.17 -16.91
N GLU A 47 -33.72 -7.06 -16.25
CA GLU A 47 -34.19 -7.10 -14.87
C GLU A 47 -35.46 -7.94 -14.78
N ASN A 48 -36.17 -8.03 -15.90
CA ASN A 48 -37.41 -8.79 -15.98
C ASN A 48 -37.08 -10.27 -16.09
N LEU A 49 -36.14 -10.57 -17.00
CA LEU A 49 -35.68 -11.94 -17.23
C LEU A 49 -35.09 -12.50 -15.94
N PHE A 50 -34.30 -11.68 -15.27
CA PHE A 50 -33.67 -12.11 -14.04
C PHE A 50 -34.73 -12.43 -13.00
N LEU A 51 -35.59 -11.47 -12.71
CA LEU A 51 -36.65 -11.66 -11.72
C LEU A 51 -37.46 -12.92 -12.00
N GLU A 52 -37.53 -13.27 -13.28
CA GLU A 52 -38.25 -14.46 -13.71
C GLU A 52 -37.51 -15.70 -13.19
N ILE A 53 -36.21 -15.76 -13.46
CA ILE A 53 -35.35 -16.85 -13.02
C ILE A 53 -35.48 -17.05 -11.50
N LEU A 54 -35.45 -15.95 -10.76
CA LEU A 54 -35.55 -16.03 -9.32
C LEU A 54 -36.88 -16.65 -8.92
N ASN A 55 -37.94 -16.22 -9.61
CA ASN A 55 -39.27 -16.75 -9.35
C ASN A 55 -39.24 -18.28 -9.52
N ILE A 56 -38.63 -18.75 -10.62
CA ILE A 56 -38.51 -20.17 -10.90
C ILE A 56 -37.77 -20.86 -9.74
N GLU A 57 -36.47 -20.61 -9.66
CA GLU A 57 -35.60 -21.18 -8.63
C GLU A 57 -36.24 -21.18 -7.25
N GLU A 58 -36.97 -20.11 -6.94
CA GLU A 58 -37.61 -20.01 -5.65
C GLU A 58 -38.67 -21.10 -5.50
N SER A 59 -39.55 -21.22 -6.48
CA SER A 59 -40.61 -22.22 -6.44
C SER A 59 -40.10 -23.65 -6.57
N LYS A 60 -38.99 -23.83 -7.28
CA LYS A 60 -38.41 -25.16 -7.43
C LYS A 60 -37.83 -25.60 -6.09
N TRP A 61 -37.39 -24.62 -5.31
CA TRP A 61 -36.79 -24.92 -4.01
C TRP A 61 -37.85 -25.18 -2.94
N GLN A 62 -38.88 -24.33 -2.91
CA GLN A 62 -39.93 -24.47 -1.91
C GLN A 62 -40.69 -25.76 -2.13
N GLU A 63 -40.67 -26.23 -3.37
CA GLU A 63 -41.34 -27.47 -3.73
C GLU A 63 -40.49 -28.66 -3.27
N GLN A 64 -39.20 -28.60 -3.56
CA GLN A 64 -38.27 -29.65 -3.14
C GLN A 64 -38.37 -29.77 -1.63
N TRP A 65 -38.54 -28.63 -0.97
CA TRP A 65 -38.64 -28.62 0.48
C TRP A 65 -39.94 -29.30 0.94
N LYS A 66 -41.00 -29.14 0.16
CA LYS A 66 -42.29 -29.77 0.50
C LYS A 66 -42.15 -31.29 0.36
N LYS A 67 -41.49 -31.70 -0.71
CA LYS A 67 -41.26 -33.11 -0.97
C LYS A 67 -40.09 -33.67 -0.17
N GLU A 68 -39.64 -32.94 0.85
CA GLU A 68 -38.51 -33.42 1.65
C GLU A 68 -38.66 -33.16 3.13
N GLN A 69 -39.53 -32.23 3.48
CA GLN A 69 -39.72 -31.90 4.89
C GLN A 69 -40.51 -32.98 5.64
N ILE A 70 -41.07 -33.92 4.89
CA ILE A 70 -41.86 -35.00 5.45
C ILE A 70 -41.01 -35.84 6.39
N LYS A 71 -39.72 -35.87 6.10
CA LYS A 71 -38.79 -36.64 6.92
C LYS A 71 -38.54 -35.96 8.25
N ALA A 72 -39.28 -34.90 8.54
CA ALA A 72 -39.11 -34.19 9.80
C ALA A 72 -40.44 -34.14 10.57
N LYS A 73 -40.56 -34.98 11.58
CA LYS A 73 -41.77 -35.08 12.38
C LYS A 73 -42.09 -33.81 13.16
N THR A 74 -41.13 -33.31 13.93
CA THR A 74 -41.35 -32.09 14.70
C THR A 74 -40.92 -30.90 13.86
N ASN A 75 -41.31 -29.70 14.29
CA ASN A 75 -40.91 -28.51 13.58
C ASN A 75 -39.48 -28.16 13.97
N ARG A 76 -39.05 -28.62 15.15
CA ARG A 76 -37.69 -28.37 15.58
C ARG A 76 -36.77 -28.97 14.53
N GLU A 77 -37.08 -30.21 14.15
CA GLU A 77 -36.31 -30.93 13.16
C GLU A 77 -36.48 -30.25 11.80
N LYS A 78 -37.67 -29.71 11.53
CA LYS A 78 -37.92 -29.06 10.23
C LYS A 78 -36.99 -27.87 10.03
N PHE A 79 -36.74 -27.13 11.11
CA PHE A 79 -35.85 -25.97 11.09
C PHE A 79 -34.46 -26.47 10.71
N TYR A 80 -33.89 -27.39 11.49
CA TYR A 80 -32.55 -27.96 11.20
C TYR A 80 -32.48 -28.42 9.77
N LEU A 81 -33.44 -29.26 9.39
CA LEU A 81 -33.51 -29.81 8.06
C LEU A 81 -33.49 -28.75 6.96
N TYR A 82 -34.37 -27.75 7.06
CA TYR A 82 -34.43 -26.68 6.05
C TYR A 82 -33.07 -26.03 5.90
N ASN A 83 -32.48 -25.70 7.02
CA ASN A 83 -31.19 -25.04 7.05
C ASN A 83 -30.07 -25.89 6.43
N GLU A 84 -30.11 -27.20 6.68
CA GLU A 84 -29.09 -28.08 6.12
C GLU A 84 -29.25 -28.19 4.62
N LEU A 85 -30.49 -28.42 4.17
CA LEU A 85 -30.74 -28.56 2.75
C LEU A 85 -30.32 -27.34 1.93
N SER A 86 -30.49 -26.15 2.51
CA SER A 86 -30.14 -24.91 1.85
C SER A 86 -28.71 -24.96 1.37
N LEU A 87 -27.89 -25.71 2.09
CA LEU A 87 -26.48 -25.88 1.75
C LEU A 87 -26.27 -26.79 0.55
N THR A 88 -27.16 -27.76 0.37
CA THR A 88 -27.03 -28.74 -0.70
C THR A 88 -27.84 -28.54 -1.98
N THR A 89 -28.99 -27.88 -1.87
CA THR A 89 -29.85 -27.61 -3.04
C THR A 89 -29.09 -26.97 -4.19
N GLU A 90 -29.70 -26.96 -5.38
CA GLU A 90 -29.08 -26.32 -6.53
C GLU A 90 -30.03 -25.22 -6.96
N TYR A 91 -30.95 -24.89 -6.06
CA TYR A 91 -31.94 -23.87 -6.33
C TYR A 91 -31.82 -22.60 -5.48
N TYR A 92 -32.20 -21.49 -6.08
CA TYR A 92 -32.20 -20.18 -5.42
C TYR A 92 -30.88 -19.75 -4.77
N TYR A 93 -30.47 -20.46 -3.71
CA TYR A 93 -29.25 -20.15 -2.97
C TYR A 93 -27.98 -19.96 -3.76
N PRO A 94 -27.84 -20.65 -4.92
CA PRO A 94 -26.63 -20.49 -5.74
C PRO A 94 -26.69 -19.19 -6.52
N LEU A 95 -27.78 -18.44 -6.38
CA LEU A 95 -27.94 -17.16 -7.07
C LEU A 95 -27.92 -15.96 -6.13
N GLN A 96 -27.65 -16.22 -4.85
CA GLN A 96 -27.59 -15.15 -3.85
C GLN A 96 -26.60 -14.07 -4.25
N ASN A 97 -25.42 -14.45 -4.71
CA ASN A 97 -24.43 -13.45 -5.10
C ASN A 97 -25.04 -12.48 -6.11
N ALA A 98 -25.60 -13.04 -7.18
CA ALA A 98 -26.23 -12.24 -8.22
C ALA A 98 -27.36 -11.38 -7.68
N ILE A 99 -28.16 -11.94 -6.80
CA ILE A 99 -29.26 -11.18 -6.21
C ILE A 99 -28.71 -9.92 -5.53
N ILE A 100 -27.69 -10.10 -4.71
CA ILE A 100 -27.06 -9.01 -3.96
C ILE A 100 -26.75 -7.81 -4.85
N GLU A 101 -26.18 -8.08 -6.02
CA GLU A 101 -25.87 -7.01 -6.96
C GLU A 101 -27.18 -6.36 -7.37
N PHE A 102 -27.99 -7.14 -8.10
CA PHE A 102 -29.28 -6.68 -8.58
C PHE A 102 -30.08 -5.92 -7.53
N TYR A 103 -29.92 -6.28 -6.26
CA TYR A 103 -30.68 -5.60 -5.21
C TYR A 103 -30.09 -4.26 -4.84
N THR A 104 -28.77 -4.14 -4.94
CA THR A 104 -28.09 -2.90 -4.59
C THR A 104 -27.88 -2.01 -5.81
N GLU A 105 -28.44 -2.40 -6.94
CA GLU A 105 -28.30 -1.63 -8.16
C GLU A 105 -29.64 -1.57 -8.89
N TYR A 106 -30.72 -1.56 -8.11
CA TYR A 106 -32.06 -1.53 -8.67
C TYR A 106 -33.11 -1.41 -7.56
N TYR A 107 -32.70 -1.02 -6.36
CA TYR A 107 -33.64 -0.89 -5.25
C TYR A 107 -34.22 0.52 -5.21
N LYS A 108 -33.97 1.29 -6.27
CA LYS A 108 -34.48 2.65 -6.38
C LYS A 108 -35.82 2.65 -7.10
N THR A 109 -35.83 2.17 -8.34
CA THR A 109 -37.06 2.10 -9.12
C THR A 109 -38.06 1.18 -8.41
N ASN A 110 -38.98 1.77 -7.65
CA ASN A 110 -39.99 1.01 -6.91
C ASN A 110 -40.73 -0.04 -7.74
N SER A 111 -40.60 0.03 -9.05
CA SER A 111 -41.26 -0.92 -9.93
C SER A 111 -40.68 -2.32 -9.69
N ILE A 112 -39.46 -2.34 -9.17
CA ILE A 112 -38.76 -3.58 -8.87
C ILE A 112 -38.98 -4.02 -7.42
N ASN A 113 -38.61 -3.16 -6.47
CA ASN A 113 -38.75 -3.47 -5.04
C ASN A 113 -40.12 -4.07 -4.71
N GLU A 114 -41.11 -3.78 -5.53
CA GLU A 114 -42.46 -4.30 -5.32
C GLU A 114 -42.47 -5.80 -5.58
N LYS A 115 -42.17 -6.19 -6.82
CA LYS A 115 -42.14 -7.60 -7.18
C LYS A 115 -40.99 -8.26 -6.46
N MET A 116 -39.86 -7.57 -6.39
CA MET A 116 -38.66 -8.06 -5.74
C MET A 116 -38.93 -8.49 -4.29
N ASN A 117 -39.75 -7.72 -3.59
CA ASN A 117 -40.08 -8.04 -2.20
C ASN A 117 -41.16 -9.12 -2.11
N LYS A 118 -41.97 -9.26 -3.15
CA LYS A 118 -43.01 -10.29 -3.14
C LYS A 118 -42.30 -11.65 -3.15
N LEU A 119 -41.09 -11.65 -3.69
CA LEU A 119 -40.25 -12.84 -3.79
C LEU A 119 -39.58 -13.13 -2.45
N GLU A 120 -39.49 -12.10 -1.62
CA GLU A 120 -38.87 -12.21 -0.31
C GLU A 120 -39.81 -12.84 0.71
N ASN A 121 -41.09 -12.92 0.37
CA ASN A 121 -42.06 -13.50 1.27
C ASN A 121 -42.06 -15.02 1.16
N LYS A 122 -41.73 -15.54 -0.02
CA LYS A 122 -41.66 -16.99 -0.21
C LYS A 122 -40.46 -17.46 0.61
N TYR A 123 -39.39 -16.68 0.49
CA TYR A 123 -38.13 -16.90 1.18
C TYR A 123 -38.31 -17.08 2.69
N ILE A 124 -39.02 -16.16 3.33
CA ILE A 124 -39.25 -16.22 4.76
C ILE A 124 -40.48 -17.05 5.15
N ASP A 125 -41.28 -17.41 4.17
CA ASP A 125 -42.49 -18.16 4.44
C ASP A 125 -42.17 -19.49 5.11
N ALA A 126 -41.23 -20.22 4.54
CA ALA A 126 -40.82 -21.52 5.07
C ALA A 126 -40.63 -21.46 6.58
N TYR A 127 -39.93 -20.44 7.05
CA TYR A 127 -39.65 -20.23 8.48
C TYR A 127 -40.91 -19.77 9.18
N HIS A 128 -41.75 -19.05 8.45
CA HIS A 128 -42.99 -18.54 9.00
C HIS A 128 -43.86 -19.72 9.39
N VAL A 129 -44.00 -20.67 8.47
CA VAL A 129 -44.79 -21.87 8.70
C VAL A 129 -44.17 -22.66 9.85
N ILE A 130 -42.88 -22.95 9.71
CA ILE A 130 -42.17 -23.70 10.74
C ILE A 130 -42.31 -23.07 12.12
N PHE A 131 -42.02 -21.78 12.25
CA PHE A 131 -42.11 -21.14 13.56
C PHE A 131 -43.55 -21.06 14.07
N LYS A 132 -44.48 -20.73 13.17
CA LYS A 132 -45.88 -20.63 13.54
C LYS A 132 -46.44 -21.98 14.00
N GLU A 133 -46.17 -23.01 13.21
CA GLU A 133 -46.65 -24.35 13.52
C GLU A 133 -46.03 -24.84 14.82
N GLY A 134 -44.80 -24.45 15.07
CA GLY A 134 -44.12 -24.85 16.28
C GLY A 134 -44.83 -24.31 17.51
N ASN A 135 -45.48 -23.17 17.35
CA ASN A 135 -46.22 -22.57 18.45
C ASN A 135 -47.44 -23.42 18.76
N LEU A 136 -48.14 -23.84 17.71
CA LEU A 136 -49.32 -24.68 17.86
C LEU A 136 -48.91 -26.03 18.41
N ASN A 137 -47.80 -26.57 17.90
CA ASN A 137 -47.29 -27.86 18.32
C ASN A 137 -46.66 -27.76 19.70
N GLY A 138 -46.71 -26.57 20.28
CA GLY A 138 -46.17 -26.34 21.61
C GLY A 138 -44.67 -26.56 21.75
N GLU A 139 -43.95 -26.59 20.64
CA GLU A 139 -42.50 -26.81 20.68
C GLU A 139 -41.76 -25.59 21.18
N TRP A 140 -42.39 -24.42 21.04
CA TRP A 140 -41.77 -23.16 21.48
C TRP A 140 -42.80 -22.04 21.55
N SER A 141 -42.37 -20.87 22.02
CA SER A 141 -43.27 -19.74 22.14
C SER A 141 -42.71 -18.44 21.55
N ILE A 142 -43.03 -18.21 20.29
CA ILE A 142 -42.58 -17.02 19.59
C ILE A 142 -43.74 -16.05 19.44
N ASN A 143 -43.49 -14.78 19.69
CA ASN A 143 -44.53 -13.75 19.56
C ASN A 143 -44.32 -13.00 18.26
N ASP A 144 -43.08 -12.58 18.03
CA ASP A 144 -42.73 -11.85 16.83
C ASP A 144 -42.26 -12.76 15.70
N VAL A 145 -43.09 -13.74 15.35
CA VAL A 145 -42.75 -14.69 14.31
C VAL A 145 -42.10 -14.03 13.10
N ASN A 146 -42.81 -13.10 12.47
CA ASN A 146 -42.30 -12.41 11.29
C ASN A 146 -40.86 -11.92 11.42
N ALA A 147 -40.51 -11.44 12.61
CA ALA A 147 -39.17 -10.95 12.85
C ALA A 147 -38.22 -12.14 12.85
N VAL A 148 -38.52 -13.12 13.71
CA VAL A 148 -37.70 -14.32 13.83
C VAL A 148 -37.54 -14.97 12.47
N SER A 149 -38.62 -15.05 11.69
CA SER A 149 -38.53 -15.67 10.39
C SER A 149 -37.51 -14.93 9.51
N LYS A 150 -37.63 -13.61 9.46
CA LYS A 150 -36.72 -12.81 8.65
C LYS A 150 -35.29 -12.98 9.16
N ILE A 151 -35.16 -12.98 10.48
CA ILE A 151 -33.86 -13.13 11.11
C ILE A 151 -33.24 -14.48 10.76
N ALA A 152 -33.99 -15.56 10.98
CA ALA A 152 -33.53 -16.92 10.68
C ALA A 152 -33.19 -17.02 9.20
N ALA A 153 -34.12 -16.57 8.37
CA ALA A 153 -33.89 -16.61 6.94
C ALA A 153 -32.57 -15.95 6.58
N ASN A 154 -32.42 -14.68 6.95
CA ASN A 154 -31.19 -13.95 6.62
C ASN A 154 -29.94 -14.53 7.24
N ALA A 155 -30.01 -14.91 8.51
CA ALA A 155 -28.86 -15.49 9.18
C ALA A 155 -28.39 -16.72 8.41
N VAL A 156 -29.34 -17.57 8.05
CA VAL A 156 -29.03 -18.79 7.32
C VAL A 156 -28.41 -18.46 5.95
N ASN A 157 -29.08 -17.64 5.17
CA ASN A 157 -28.54 -17.28 3.86
C ASN A 157 -27.07 -16.85 4.07
N GLY A 158 -26.81 -16.22 5.21
CA GLY A 158 -25.46 -15.78 5.52
C GLY A 158 -24.48 -16.93 5.64
N ILE A 159 -24.84 -17.92 6.45
CA ILE A 159 -23.98 -19.05 6.63
C ILE A 159 -23.83 -19.80 5.32
N VAL A 160 -24.87 -19.83 4.51
CA VAL A 160 -24.77 -20.52 3.24
C VAL A 160 -23.90 -19.75 2.26
N THR A 161 -24.19 -18.46 2.08
CA THR A 161 -23.47 -17.65 1.13
C THR A 161 -21.99 -17.38 1.36
N PHE A 162 -21.63 -17.01 2.60
CA PHE A 162 -20.25 -16.71 2.94
C PHE A 162 -19.41 -17.85 3.50
N THR A 163 -19.59 -19.04 2.95
CA THR A 163 -18.83 -20.21 3.35
C THR A 163 -18.65 -21.13 2.15
N HIS A 164 -19.10 -20.69 0.98
CA HIS A 164 -19.00 -21.50 -0.24
C HIS A 164 -17.57 -21.56 -0.76
N GLU A 165 -16.74 -22.30 -0.03
CA GLU A 165 -15.33 -22.46 -0.37
C GLU A 165 -14.69 -23.33 0.70
N GLN A 166 -15.54 -23.86 1.58
CA GLN A 166 -15.10 -24.72 2.67
C GLN A 166 -15.70 -26.11 2.53
N ASN A 167 -15.07 -27.09 3.18
CA ASN A 167 -15.54 -28.47 3.16
C ASN A 167 -17.07 -28.50 3.36
N ILE A 168 -17.79 -29.00 2.36
CA ILE A 168 -19.24 -29.07 2.41
C ILE A 168 -19.78 -29.71 3.68
N ASN A 169 -18.99 -30.59 4.28
CA ASN A 169 -19.45 -31.23 5.51
C ASN A 169 -19.15 -30.37 6.71
N GLU A 170 -18.13 -29.54 6.59
CA GLU A 170 -17.77 -28.62 7.66
C GLU A 170 -18.94 -27.63 7.77
N ARG A 171 -19.50 -27.28 6.62
CA ARG A 171 -20.64 -26.37 6.51
C ARG A 171 -21.86 -26.96 7.26
N ILE A 172 -22.25 -28.16 6.86
CA ILE A 172 -23.37 -28.84 7.50
C ILE A 172 -23.18 -28.76 9.01
N LYS A 173 -21.95 -28.97 9.45
CA LYS A 173 -21.61 -28.95 10.87
C LYS A 173 -21.98 -27.61 11.51
N LEU A 174 -21.42 -26.52 10.96
CA LEU A 174 -21.69 -25.17 11.44
C LEU A 174 -23.18 -24.90 11.47
N MET A 175 -23.80 -25.06 10.31
CA MET A 175 -25.23 -24.85 10.13
C MET A 175 -26.01 -25.59 11.22
N ASN A 176 -25.67 -26.83 11.48
CA ASN A 176 -26.38 -27.58 12.52
C ASN A 176 -26.16 -26.92 13.88
N LYS A 177 -24.94 -26.48 14.13
CA LYS A 177 -24.62 -25.82 15.39
C LYS A 177 -25.44 -24.54 15.45
N PHE A 178 -25.64 -23.88 14.30
CA PHE A 178 -26.42 -22.67 14.29
C PHE A 178 -27.86 -22.98 14.69
N SER A 179 -28.49 -23.89 13.94
CA SER A 179 -29.86 -24.33 14.20
C SER A 179 -30.06 -24.64 15.68
N GLN A 180 -29.08 -25.33 16.24
CA GLN A 180 -29.10 -25.67 17.64
C GLN A 180 -29.08 -24.37 18.46
N ILE A 181 -28.05 -23.56 18.26
CA ILE A 181 -27.94 -22.30 19.01
C ILE A 181 -29.22 -21.45 18.87
N PHE A 182 -29.71 -21.31 17.64
CA PHE A 182 -30.88 -20.47 17.39
C PHE A 182 -32.13 -20.90 18.13
N LEU A 183 -32.53 -22.15 17.94
CA LEU A 183 -33.71 -22.69 18.59
C LEU A 183 -33.60 -22.67 20.10
N ASN A 184 -32.41 -22.95 20.61
CA ASN A 184 -32.24 -22.94 22.05
C ASN A 184 -32.46 -21.53 22.57
N GLY A 185 -32.30 -20.54 21.69
CA GLY A 185 -32.47 -19.16 22.10
C GLY A 185 -33.91 -18.70 22.11
N LEU A 186 -34.74 -19.40 21.35
CA LEU A 186 -36.15 -19.06 21.26
C LEU A 186 -36.91 -19.39 22.53
N SER A 187 -36.19 -19.83 23.56
CA SER A 187 -36.83 -20.14 24.83
C SER A 187 -35.82 -20.31 25.98
N ASN B 2 43.80 -5.35 19.19
CA ASN B 2 42.51 -5.85 19.78
C ASN B 2 41.85 -6.80 18.79
N LEU B 3 40.59 -7.16 19.05
CA LEU B 3 39.82 -8.04 18.19
C LEU B 3 38.47 -7.38 17.94
N LYS B 4 38.08 -6.47 18.84
CA LYS B 4 36.81 -5.74 18.70
C LYS B 4 37.00 -4.63 17.67
N ASP B 5 38.12 -3.93 17.78
CA ASP B 5 38.41 -2.85 16.85
C ASP B 5 38.69 -3.45 15.48
N LYS B 6 38.98 -4.74 15.47
CA LYS B 6 39.23 -5.48 14.23
C LYS B 6 37.93 -5.47 13.44
N ILE B 7 36.83 -5.80 14.13
CA ILE B 7 35.52 -5.84 13.53
C ILE B 7 35.15 -4.44 13.03
N LEU B 8 35.19 -3.45 13.92
CA LEU B 8 34.87 -2.07 13.57
C LEU B 8 35.64 -1.63 12.32
N GLY B 9 36.91 -2.02 12.25
CA GLY B 9 37.74 -1.66 11.11
C GLY B 9 37.35 -2.36 9.83
N VAL B 10 37.39 -3.70 9.83
CA VAL B 10 37.03 -4.44 8.63
C VAL B 10 35.61 -4.08 8.18
N ALA B 11 34.71 -3.86 9.14
CA ALA B 11 33.33 -3.51 8.83
C ALA B 11 33.24 -2.15 8.14
N LYS B 12 33.87 -1.14 8.73
CA LYS B 12 33.87 0.21 8.17
C LYS B 12 34.38 0.15 6.74
N GLU B 13 35.44 -0.61 6.54
CA GLU B 13 36.06 -0.74 5.22
C GLU B 13 35.10 -1.34 4.20
N LEU B 14 34.20 -2.19 4.68
CA LEU B 14 33.21 -2.85 3.81
C LEU B 14 32.02 -1.91 3.49
N PHE B 15 31.49 -1.26 4.51
CA PHE B 15 30.38 -0.34 4.33
C PHE B 15 30.73 0.75 3.33
N ILE B 16 32.02 1.04 3.20
CA ILE B 16 32.48 2.07 2.29
C ILE B 16 32.68 1.45 0.91
N LYS B 17 33.12 0.21 0.90
CA LYS B 17 33.38 -0.47 -0.36
C LYS B 17 32.10 -0.98 -1.01
N ASN B 18 31.20 -1.54 -0.21
CA ASN B 18 29.97 -2.10 -0.75
C ASN B 18 28.70 -1.43 -0.27
N GLY B 19 28.80 -0.59 0.76
CA GLY B 19 27.61 0.06 1.27
C GLY B 19 27.02 -0.80 2.37
N TYR B 20 26.01 -0.29 3.05
CA TYR B 20 25.40 -1.03 4.15
C TYR B 20 24.78 -2.39 3.82
N ASN B 21 23.73 -2.36 3.01
CA ASN B 21 23.02 -3.58 2.63
C ASN B 21 23.81 -4.72 2.01
N ALA B 22 24.86 -4.43 1.27
CA ALA B 22 25.63 -5.49 0.62
C ALA B 22 26.64 -6.16 1.56
N THR B 23 26.85 -5.57 2.72
CA THR B 23 27.80 -6.07 3.70
C THR B 23 27.12 -6.87 4.81
N THR B 24 27.35 -8.17 4.80
CA THR B 24 26.76 -9.04 5.79
C THR B 24 27.73 -9.30 6.93
N THR B 25 27.19 -9.53 8.13
CA THR B 25 28.04 -9.80 9.28
C THR B 25 28.86 -11.03 8.90
N GLY B 26 28.27 -11.91 8.11
CA GLY B 26 28.98 -13.11 7.69
C GLY B 26 30.35 -12.76 7.14
N GLU B 27 30.37 -11.96 6.09
CA GLU B 27 31.63 -11.55 5.45
C GLU B 27 32.47 -10.68 6.38
N ILE B 28 31.81 -9.87 7.22
CA ILE B 28 32.49 -8.99 8.16
C ILE B 28 33.40 -9.79 9.10
N VAL B 29 32.80 -10.78 9.74
CA VAL B 29 33.48 -11.65 10.69
C VAL B 29 34.56 -12.55 10.09
N LYS B 30 34.24 -13.33 9.06
CA LYS B 30 35.22 -14.22 8.46
C LYS B 30 36.39 -13.49 7.78
N LEU B 31 36.29 -12.16 7.68
CA LEU B 31 37.33 -11.35 7.05
C LEU B 31 38.14 -10.60 8.11
N SER B 32 37.67 -10.63 9.34
CA SER B 32 38.33 -9.97 10.45
C SER B 32 38.83 -11.02 11.47
N GLU B 33 38.70 -12.28 11.10
CA GLU B 33 39.13 -13.40 11.94
C GLU B 33 38.42 -13.38 13.29
N SER B 34 37.13 -13.68 13.29
CA SER B 34 36.36 -13.70 14.53
C SER B 34 35.15 -14.60 14.36
N SER B 35 34.20 -14.51 15.29
CA SER B 35 33.01 -15.35 15.24
C SER B 35 31.76 -14.50 15.18
N LYS B 36 30.69 -15.08 14.65
CA LYS B 36 29.41 -14.39 14.54
C LYS B 36 28.89 -14.00 15.92
N GLY B 37 28.83 -14.97 16.83
CA GLY B 37 28.35 -14.67 18.17
C GLY B 37 29.20 -13.61 18.84
N ASN B 38 30.48 -13.56 18.47
CA ASN B 38 31.39 -12.58 19.04
C ASN B 38 30.93 -11.17 18.68
N LEU B 39 30.51 -10.99 17.42
CA LEU B 39 30.05 -9.70 16.93
C LEU B 39 28.85 -9.22 17.75
N TYR B 40 27.98 -10.16 18.11
CA TYR B 40 26.81 -9.84 18.92
C TYR B 40 27.29 -9.54 20.34
N TYR B 41 28.31 -10.28 20.77
CA TYR B 41 28.90 -10.14 22.10
C TYR B 41 29.41 -8.73 22.37
N HIS B 42 29.75 -8.01 21.30
CA HIS B 42 30.26 -6.64 21.40
C HIS B 42 29.29 -5.57 20.94
N PHE B 43 28.70 -5.76 19.75
CA PHE B 43 27.79 -4.77 19.19
C PHE B 43 26.34 -5.23 19.10
N LYS B 44 26.07 -6.49 19.44
CA LYS B 44 24.71 -7.02 19.41
C LYS B 44 24.21 -7.31 18.00
N THR B 45 23.66 -6.29 17.35
CA THR B 45 23.13 -6.41 15.99
C THR B 45 23.96 -5.61 14.97
N LYS B 46 24.00 -6.08 13.73
CA LYS B 46 24.76 -5.39 12.69
C LYS B 46 24.39 -3.92 12.59
N GLU B 47 23.11 -3.62 12.76
CA GLU B 47 22.66 -2.24 12.68
C GLU B 47 23.30 -1.43 13.79
N ASN B 48 23.48 -2.06 14.94
CA ASN B 48 24.09 -1.36 16.06
C ASN B 48 25.56 -1.13 15.78
N LEU B 49 26.19 -2.09 15.13
CA LEU B 49 27.61 -2.00 14.78
C LEU B 49 27.85 -0.77 13.94
N PHE B 50 26.93 -0.53 13.00
CA PHE B 50 27.00 0.60 12.10
C PHE B 50 26.76 1.92 12.83
N LEU B 51 25.87 1.90 13.83
CA LEU B 51 25.59 3.10 14.58
C LEU B 51 26.85 3.57 15.28
N GLU B 52 27.64 2.60 15.74
CA GLU B 52 28.87 2.91 16.43
C GLU B 52 29.89 3.47 15.42
N ILE B 53 30.09 2.73 14.33
CA ILE B 53 31.00 3.17 13.29
C ILE B 53 30.68 4.64 13.03
N LEU B 54 29.38 4.94 12.96
CA LEU B 54 28.88 6.29 12.72
C LEU B 54 29.27 7.28 13.79
N ASN B 55 29.25 6.85 15.05
CA ASN B 55 29.63 7.72 16.16
C ASN B 55 31.13 7.97 16.11
N ILE B 56 31.87 6.96 15.66
CA ILE B 56 33.31 7.06 15.53
C ILE B 56 33.66 8.08 14.44
N GLU B 57 33.29 7.77 13.20
CA GLU B 57 33.59 8.67 12.08
C GLU B 57 33.10 10.08 12.37
N GLU B 58 31.96 10.19 13.04
CA GLU B 58 31.39 11.49 13.35
C GLU B 58 32.26 12.35 14.24
N SER B 59 32.67 11.81 15.38
CA SER B 59 33.50 12.57 16.32
C SER B 59 34.90 12.80 15.77
N LYS B 60 35.51 11.77 15.18
CA LYS B 60 36.85 11.90 14.63
C LYS B 60 36.88 12.89 13.46
N TRP B 61 35.77 13.59 13.26
CA TRP B 61 35.65 14.59 12.21
C TRP B 61 35.44 15.96 12.86
N GLN B 62 34.48 16.04 13.76
CA GLN B 62 34.19 17.30 14.44
C GLN B 62 35.39 17.72 15.28
N GLU B 63 36.36 16.82 15.40
CA GLU B 63 37.56 17.08 16.17
C GLU B 63 38.66 17.55 15.23
N GLN B 64 38.91 16.75 14.19
CA GLN B 64 39.94 17.10 13.22
C GLN B 64 39.65 18.49 12.65
N TRP B 65 38.38 18.88 12.65
CA TRP B 65 37.94 20.18 12.15
C TRP B 65 38.23 21.27 13.17
N LYS B 66 38.13 20.91 14.45
CA LYS B 66 38.41 21.87 15.50
C LYS B 66 39.91 22.22 15.50
N LYS B 67 40.74 21.21 15.32
CA LYS B 67 42.19 21.38 15.30
C LYS B 67 42.66 22.00 13.99
N GLU B 68 41.74 22.27 13.08
CA GLU B 68 42.13 22.83 11.80
C GLU B 68 41.34 24.07 11.42
N GLN B 69 40.30 24.39 12.18
CA GLN B 69 39.46 25.55 11.88
C GLN B 69 40.14 26.82 12.35
N ILE B 70 41.16 26.65 13.16
CA ILE B 70 41.90 27.77 13.69
C ILE B 70 42.66 28.51 12.59
N LYS B 71 43.19 27.75 11.63
CA LYS B 71 43.92 28.35 10.51
C LYS B 71 43.04 29.24 9.63
N ALA B 72 41.89 29.64 10.16
CA ALA B 72 40.96 30.51 9.43
C ALA B 72 40.38 31.50 10.43
N LYS B 73 40.77 32.76 10.30
CA LYS B 73 40.29 33.80 11.20
C LYS B 73 38.82 34.12 10.99
N THR B 74 38.49 34.66 9.83
CA THR B 74 37.10 35.00 9.50
C THR B 74 36.28 33.74 9.21
N ASN B 75 35.02 33.76 9.62
CA ASN B 75 34.15 32.62 9.39
C ASN B 75 33.96 32.38 7.90
N ARG B 76 34.13 33.44 7.11
CA ARG B 76 33.99 33.29 5.66
C ARG B 76 35.02 32.26 5.20
N GLU B 77 36.23 32.33 5.77
CA GLU B 77 37.30 31.39 5.43
C GLU B 77 36.97 30.04 6.02
N LYS B 78 36.41 30.05 7.24
CA LYS B 78 36.06 28.80 7.89
C LYS B 78 35.08 28.01 7.02
N PHE B 79 34.20 28.74 6.33
CA PHE B 79 33.22 28.11 5.46
C PHE B 79 33.99 27.40 4.36
N TYR B 80 34.72 28.16 3.55
CA TYR B 80 35.54 27.61 2.47
C TYR B 80 36.39 26.42 2.92
N LEU B 81 37.02 26.59 4.08
CA LEU B 81 37.89 25.56 4.62
C LEU B 81 37.18 24.26 4.98
N TYR B 82 36.04 24.38 5.66
CA TYR B 82 35.27 23.19 6.03
C TYR B 82 34.86 22.39 4.79
N ASN B 83 34.25 23.11 3.83
CA ASN B 83 33.78 22.52 2.57
C ASN B 83 34.90 21.87 1.79
N GLU B 84 36.06 22.52 1.86
CA GLU B 84 37.26 22.04 1.19
C GLU B 84 37.70 20.74 1.84
N LEU B 85 37.97 20.81 3.14
CA LEU B 85 38.42 19.65 3.91
C LEU B 85 37.51 18.45 3.74
N SER B 86 36.22 18.71 3.57
CA SER B 86 35.22 17.66 3.40
C SER B 86 35.56 16.67 2.30
N LEU B 87 36.27 17.16 1.29
CA LEU B 87 36.62 16.31 0.16
C LEU B 87 37.85 15.46 0.44
N THR B 88 38.72 15.97 1.29
CA THR B 88 39.97 15.31 1.57
C THR B 88 40.00 14.55 2.89
N THR B 89 39.00 14.77 3.73
CA THR B 89 38.97 14.07 5.01
C THR B 89 38.77 12.56 4.87
N GLU B 90 39.18 11.82 5.88
CA GLU B 90 39.05 10.37 5.84
C GLU B 90 37.81 9.92 6.59
N TYR B 91 37.21 10.85 7.33
CA TYR B 91 36.04 10.55 8.15
C TYR B 91 34.68 11.03 7.64
N TYR B 92 33.62 10.35 8.10
CA TYR B 92 32.24 10.71 7.76
C TYR B 92 31.84 10.55 6.30
N TYR B 93 32.04 11.61 5.54
CA TYR B 93 31.69 11.62 4.12
C TYR B 93 31.87 10.35 3.30
N PRO B 94 32.86 9.50 3.64
CA PRO B 94 33.04 8.27 2.86
C PRO B 94 31.97 7.21 3.13
N LEU B 95 31.16 7.43 4.16
CA LEU B 95 30.12 6.48 4.53
C LEU B 95 28.72 6.83 4.02
N GLN B 96 28.60 7.97 3.34
CA GLN B 96 27.32 8.45 2.80
C GLN B 96 26.55 7.37 2.01
N ASN B 97 27.25 6.71 1.12
CA ASN B 97 26.62 5.68 0.32
C ASN B 97 25.95 4.67 1.23
N ALA B 98 26.52 4.48 2.43
CA ALA B 98 25.99 3.56 3.42
C ALA B 98 25.06 4.29 4.38
N ILE B 99 25.41 5.52 4.74
CA ILE B 99 24.54 6.28 5.64
C ILE B 99 23.21 6.49 4.93
N ILE B 100 23.20 6.38 3.61
CA ILE B 100 21.96 6.54 2.86
C ILE B 100 21.09 5.30 3.04
N GLU B 101 21.52 4.18 2.46
CA GLU B 101 20.78 2.93 2.56
C GLU B 101 20.29 2.71 3.97
N PHE B 102 21.20 2.87 4.92
CA PHE B 102 20.89 2.69 6.33
C PHE B 102 19.70 3.52 6.78
N TYR B 103 19.59 4.74 6.29
CA TYR B 103 18.49 5.60 6.70
C TYR B 103 17.16 5.20 6.08
N THR B 104 17.18 4.89 4.79
CA THR B 104 15.94 4.52 4.10
C THR B 104 15.39 3.22 4.62
N GLU B 105 16.19 2.53 5.44
CA GLU B 105 15.77 1.25 5.97
C GLU B 105 15.37 1.28 7.43
N TYR B 106 15.91 2.22 8.19
CA TYR B 106 15.59 2.31 9.62
C TYR B 106 14.94 3.64 10.02
N TYR B 107 14.53 4.44 9.04
CA TYR B 107 13.89 5.72 9.38
C TYR B 107 12.50 5.40 9.93
N LYS B 108 11.95 4.27 9.48
CA LYS B 108 10.64 3.83 9.90
C LYS B 108 10.66 3.68 11.42
N THR B 109 11.29 2.61 11.89
CA THR B 109 11.40 2.34 13.32
C THR B 109 11.86 3.59 14.10
N ASN B 110 10.96 4.13 14.90
CA ASN B 110 11.25 5.33 15.68
C ASN B 110 12.50 5.25 16.55
N SER B 111 12.86 4.04 16.99
CA SER B 111 14.04 3.85 17.83
C SER B 111 15.33 4.35 17.17
N ILE B 112 15.81 3.60 16.18
CA ILE B 112 17.02 3.92 15.45
C ILE B 112 16.98 5.32 14.82
N ASN B 113 15.79 5.80 14.51
CA ASN B 113 15.63 7.11 13.88
C ASN B 113 16.16 8.24 14.75
N GLU B 114 15.78 8.25 16.02
CA GLU B 114 16.21 9.29 16.94
C GLU B 114 17.73 9.45 16.91
N LYS B 115 18.44 8.34 16.99
CA LYS B 115 19.91 8.34 16.97
C LYS B 115 20.46 9.02 15.71
N MET B 116 19.95 8.59 14.56
CA MET B 116 20.38 9.15 13.29
C MET B 116 20.21 10.65 13.26
N ASN B 117 19.14 11.14 13.89
CA ASN B 117 18.88 12.57 13.92
C ASN B 117 19.87 13.27 14.83
N LYS B 118 20.12 12.71 16.00
CA LYS B 118 21.06 13.30 16.94
C LYS B 118 22.36 13.59 16.24
N LEU B 119 22.99 12.53 15.71
CA LEU B 119 24.25 12.66 14.99
C LEU B 119 24.15 13.72 13.90
N GLU B 120 23.05 13.69 13.15
CA GLU B 120 22.84 14.64 12.07
C GLU B 120 22.89 16.10 12.52
N ASN B 121 22.56 16.34 13.78
CA ASN B 121 22.57 17.71 14.29
C ASN B 121 23.98 18.25 14.47
N LYS B 122 24.93 17.37 14.79
CA LYS B 122 26.31 17.80 14.95
C LYS B 122 26.84 18.09 13.54
N TYR B 123 26.46 17.21 12.62
CA TYR B 123 26.85 17.32 11.21
C TYR B 123 26.46 18.70 10.67
N ILE B 124 25.29 19.18 11.05
CA ILE B 124 24.80 20.47 10.59
C ILE B 124 25.32 21.59 11.50
N ASP B 125 25.72 21.22 12.71
CA ASP B 125 26.20 22.18 13.71
C ASP B 125 27.37 23.04 13.22
N ALA B 126 28.36 22.37 12.63
CA ALA B 126 29.55 23.04 12.12
C ALA B 126 29.14 24.26 11.31
N TYR B 127 28.19 24.06 10.40
CA TYR B 127 27.69 25.14 9.57
C TYR B 127 26.88 26.13 10.40
N HIS B 128 26.08 25.61 11.32
CA HIS B 128 25.26 26.47 12.18
C HIS B 128 26.16 27.41 12.96
N VAL B 129 27.25 26.88 13.51
CA VAL B 129 28.20 27.67 14.27
C VAL B 129 28.78 28.78 13.40
N ILE B 130 29.34 28.39 12.24
CA ILE B 130 29.94 29.33 11.32
C ILE B 130 29.01 30.50 10.99
N PHE B 131 27.83 30.21 10.47
CA PHE B 131 26.88 31.27 10.12
C PHE B 131 26.49 32.09 11.35
N LYS B 132 26.33 31.41 12.48
CA LYS B 132 25.96 32.08 13.71
C LYS B 132 27.01 33.16 14.02
N GLU B 133 28.21 32.71 14.34
CA GLU B 133 29.34 33.59 14.64
C GLU B 133 29.53 34.60 13.52
N GLY B 134 29.22 34.18 12.30
CA GLY B 134 29.38 35.06 11.16
C GLY B 134 28.54 36.30 11.34
N ASN B 135 27.27 36.09 11.69
CA ASN B 135 26.35 37.19 11.89
C ASN B 135 26.86 38.08 13.02
N LEU B 136 27.43 37.47 14.06
CA LEU B 136 27.97 38.24 15.17
C LEU B 136 29.12 39.11 14.68
N ASN B 137 30.06 38.53 13.96
CA ASN B 137 31.21 39.27 13.42
C ASN B 137 30.79 40.12 12.24
N GLY B 138 29.49 40.31 12.09
CA GLY B 138 28.97 41.11 11.00
C GLY B 138 29.48 40.74 9.63
N GLU B 139 29.88 39.48 9.44
CA GLU B 139 30.39 39.03 8.15
C GLU B 139 29.26 38.92 7.13
N TRP B 140 28.04 38.80 7.65
CA TRP B 140 26.86 38.68 6.81
C TRP B 140 25.64 38.79 7.70
N SER B 141 24.47 38.73 7.08
CA SER B 141 23.21 38.79 7.82
C SER B 141 22.34 37.65 7.32
N ILE B 142 22.08 36.69 8.20
CA ILE B 142 21.26 35.54 7.83
C ILE B 142 20.14 35.35 8.85
N ASN B 143 18.91 35.49 8.37
CA ASN B 143 17.73 35.36 9.22
C ASN B 143 17.54 33.92 9.70
N ASP B 144 17.24 33.00 8.78
CA ASP B 144 17.06 31.63 9.19
C ASP B 144 18.38 30.91 8.99
N VAL B 145 19.16 30.86 10.06
CA VAL B 145 20.45 30.19 10.05
C VAL B 145 20.26 28.70 9.87
N ASN B 146 19.31 28.12 10.60
CA ASN B 146 19.05 26.68 10.49
C ASN B 146 18.77 26.27 9.04
N ALA B 147 17.95 27.05 8.35
CA ALA B 147 17.61 26.74 6.98
C ALA B 147 18.87 26.72 6.12
N VAL B 148 19.66 27.78 6.22
CA VAL B 148 20.88 27.87 5.44
C VAL B 148 21.91 26.83 5.89
N SER B 149 22.00 26.57 7.18
CA SER B 149 22.94 25.57 7.68
C SER B 149 22.64 24.22 7.04
N LYS B 150 21.36 23.86 7.02
CA LYS B 150 20.93 22.59 6.46
C LYS B 150 21.16 22.57 4.95
N ILE B 151 20.76 23.64 4.27
CA ILE B 151 20.96 23.73 2.83
C ILE B 151 22.43 23.53 2.54
N ALA B 152 23.24 24.37 3.20
CA ALA B 152 24.69 24.35 3.07
C ALA B 152 25.23 22.93 3.21
N ALA B 153 24.95 22.32 4.34
CA ALA B 153 25.43 20.97 4.57
C ALA B 153 24.99 19.99 3.48
N ASN B 154 23.69 19.93 3.20
CA ASN B 154 23.22 18.98 2.18
C ASN B 154 23.77 19.25 0.79
N ALA B 155 24.01 20.52 0.48
CA ALA B 155 24.54 20.92 -0.81
C ALA B 155 25.99 20.45 -0.95
N VAL B 156 26.81 20.78 0.04
CA VAL B 156 28.21 20.39 0.01
C VAL B 156 28.31 18.87 0.02
N ASN B 157 27.59 18.23 0.94
CA ASN B 157 27.58 16.78 1.05
C ASN B 157 27.28 16.18 -0.32
N GLY B 158 26.39 16.84 -1.06
CA GLY B 158 26.02 16.41 -2.39
C GLY B 158 27.21 16.57 -3.34
N ILE B 159 27.91 17.70 -3.25
CA ILE B 159 29.07 17.94 -4.12
C ILE B 159 30.09 16.83 -3.82
N VAL B 160 30.35 16.63 -2.54
CA VAL B 160 31.31 15.63 -2.08
C VAL B 160 31.05 14.20 -2.51
N THR B 161 29.81 13.74 -2.42
CA THR B 161 29.54 12.35 -2.76
C THR B 161 29.08 12.06 -4.19
N PHE B 162 28.74 13.09 -4.97
CA PHE B 162 28.28 12.86 -6.35
C PHE B 162 29.29 13.33 -7.41
N THR B 163 30.53 13.57 -6.98
CA THR B 163 31.59 14.00 -7.88
C THR B 163 32.90 13.27 -7.50
N HIS B 164 32.77 12.17 -6.76
CA HIS B 164 33.92 11.34 -6.33
C HIS B 164 34.23 10.42 -7.53
N GLU B 165 34.77 11.00 -8.60
CA GLU B 165 35.02 10.29 -9.84
C GLU B 165 36.31 10.65 -10.59
N GLN B 166 36.59 11.95 -10.65
CA GLN B 166 37.77 12.47 -11.33
C GLN B 166 38.78 13.09 -10.38
N ASN B 167 39.63 13.94 -10.94
CA ASN B 167 40.69 14.64 -10.23
C ASN B 167 40.29 15.31 -8.92
N ILE B 168 40.97 14.91 -7.84
CA ILE B 168 40.71 15.46 -6.52
C ILE B 168 40.95 16.97 -6.48
N ASN B 169 41.69 17.49 -7.46
CA ASN B 169 41.98 18.92 -7.53
C ASN B 169 40.81 19.67 -8.11
N GLU B 170 40.22 19.08 -9.14
CA GLU B 170 39.07 19.66 -9.80
C GLU B 170 37.92 19.73 -8.81
N ARG B 171 37.72 18.63 -8.08
CA ARG B 171 36.67 18.56 -7.08
C ARG B 171 36.87 19.73 -6.12
N ILE B 172 38.09 19.89 -5.61
CA ILE B 172 38.38 20.99 -4.70
C ILE B 172 38.13 22.31 -5.39
N LYS B 173 38.38 22.37 -6.69
CA LYS B 173 38.18 23.61 -7.42
C LYS B 173 36.69 23.95 -7.50
N LEU B 174 35.88 23.00 -7.97
CA LEU B 174 34.43 23.17 -8.10
C LEU B 174 33.86 23.53 -6.74
N MET B 175 34.33 22.81 -5.72
CA MET B 175 33.86 23.04 -4.38
C MET B 175 34.05 24.49 -3.98
N ASN B 176 35.25 25.01 -4.19
CA ASN B 176 35.54 26.38 -3.82
C ASN B 176 34.71 27.40 -4.59
N LYS B 177 34.39 27.09 -5.85
CA LYS B 177 33.58 28.02 -6.64
C LYS B 177 32.18 28.08 -5.99
N PHE B 178 31.73 26.92 -5.51
CA PHE B 178 30.44 26.82 -4.84
C PHE B 178 30.50 27.69 -3.61
N SER B 179 31.41 27.35 -2.70
CA SER B 179 31.56 28.09 -1.45
C SER B 179 31.46 29.59 -1.70
N GLN B 180 32.06 30.03 -2.80
CA GLN B 180 32.03 31.44 -3.14
C GLN B 180 30.61 31.83 -3.54
N ILE B 181 30.11 31.23 -4.62
CA ILE B 181 28.75 31.54 -5.08
C ILE B 181 27.83 31.58 -3.88
N PHE B 182 27.82 30.48 -3.13
CA PHE B 182 26.96 30.39 -1.96
C PHE B 182 27.14 31.55 -1.00
N LEU B 183 28.37 31.78 -0.55
CA LEU B 183 28.66 32.88 0.36
C LEU B 183 28.21 34.23 -0.15
N ASN B 184 28.46 34.50 -1.43
CA ASN B 184 28.05 35.79 -1.98
C ASN B 184 26.53 35.91 -1.91
N GLY B 185 25.84 34.94 -2.49
CA GLY B 185 24.39 34.97 -2.45
C GLY B 185 23.81 35.10 -1.04
N LEU B 186 24.56 34.71 -0.02
CA LEU B 186 24.05 34.80 1.34
C LEU B 186 23.66 36.19 1.77
N SER B 187 23.89 37.18 0.92
CA SER B 187 23.53 38.57 1.21
C SER B 187 23.51 39.39 -0.07
N ASN C 2 5.33 5.47 0.80
CA ASN C 2 4.44 6.60 0.41
C ASN C 2 3.94 6.51 -1.01
N LEU C 3 4.84 6.34 -1.98
CA LEU C 3 4.36 6.21 -3.36
C LEU C 3 3.41 4.99 -3.41
N LYS C 4 3.66 4.01 -2.53
CA LYS C 4 2.83 2.81 -2.43
C LYS C 4 1.53 3.21 -1.75
N ASP C 5 1.66 3.97 -0.66
CA ASP C 5 0.49 4.42 0.08
C ASP C 5 -0.39 5.31 -0.80
N LYS C 6 0.26 6.16 -1.60
CA LYS C 6 -0.43 7.07 -2.50
C LYS C 6 -1.27 6.25 -3.48
N ILE C 7 -0.66 5.19 -4.02
CA ILE C 7 -1.37 4.31 -4.94
C ILE C 7 -2.61 3.71 -4.28
N LEU C 8 -2.46 3.15 -3.09
CA LEU C 8 -3.60 2.56 -2.39
C LEU C 8 -4.70 3.59 -2.10
N GLY C 9 -4.29 4.83 -1.84
CA GLY C 9 -5.26 5.85 -1.54
C GLY C 9 -6.06 6.26 -2.76
N VAL C 10 -5.35 6.46 -3.85
CA VAL C 10 -6.00 6.88 -5.08
C VAL C 10 -6.86 5.74 -5.58
N ALA C 11 -6.31 4.53 -5.48
CA ALA C 11 -7.02 3.35 -5.94
C ALA C 11 -8.31 3.26 -5.16
N LYS C 12 -8.24 3.45 -3.84
CA LYS C 12 -9.46 3.34 -3.05
C LYS C 12 -10.51 4.31 -3.58
N GLU C 13 -10.12 5.56 -3.83
CA GLU C 13 -11.07 6.53 -4.35
C GLU C 13 -11.61 6.16 -5.71
N LEU C 14 -10.74 5.70 -6.59
CA LEU C 14 -11.17 5.31 -7.93
C LEU C 14 -12.20 4.20 -7.85
N PHE C 15 -11.93 3.18 -7.05
CA PHE C 15 -12.86 2.06 -6.89
C PHE C 15 -14.18 2.55 -6.34
N ILE C 16 -14.16 3.54 -5.44
CA ILE C 16 -15.41 4.04 -4.88
C ILE C 16 -16.22 4.81 -5.92
N LYS C 17 -15.57 5.72 -6.63
CA LYS C 17 -16.27 6.52 -7.62
C LYS C 17 -16.72 5.75 -8.85
N ASN C 18 -16.01 4.70 -9.23
CA ASN C 18 -16.38 3.99 -10.44
C ASN C 18 -16.46 2.46 -10.35
N GLY C 19 -16.22 1.91 -9.17
CA GLY C 19 -16.31 0.47 -9.01
C GLY C 19 -15.02 -0.26 -9.39
N TYR C 20 -14.92 -1.51 -8.97
CA TYR C 20 -13.74 -2.31 -9.25
C TYR C 20 -13.45 -2.51 -10.73
N ASN C 21 -14.39 -3.15 -11.42
CA ASN C 21 -14.23 -3.44 -12.84
C ASN C 21 -13.93 -2.25 -13.74
N ALA C 22 -14.66 -1.14 -13.56
CA ALA C 22 -14.42 0.03 -14.41
C ALA C 22 -13.06 0.69 -14.20
N THR C 23 -12.53 0.60 -12.98
CA THR C 23 -11.23 1.20 -12.64
C THR C 23 -10.06 0.42 -13.27
N THR C 24 -9.19 1.16 -13.96
CA THR C 24 -8.04 0.57 -14.64
C THR C 24 -6.76 0.96 -13.94
N THR C 25 -5.77 0.05 -13.93
CA THR C 25 -4.50 0.33 -13.29
C THR C 25 -3.83 1.48 -14.02
N GLY C 26 -4.25 1.71 -15.26
CA GLY C 26 -3.70 2.81 -16.02
C GLY C 26 -4.05 4.07 -15.28
N GLU C 27 -5.33 4.21 -14.96
CA GLU C 27 -5.80 5.38 -14.24
C GLU C 27 -5.04 5.48 -12.93
N ILE C 28 -5.04 4.38 -12.18
CA ILE C 28 -4.34 4.37 -10.91
C ILE C 28 -2.90 4.79 -11.08
N VAL C 29 -2.26 4.32 -12.13
CA VAL C 29 -0.87 4.68 -12.34
C VAL C 29 -0.73 6.18 -12.49
N LYS C 30 -1.36 6.75 -13.51
CA LYS C 30 -1.24 8.19 -13.72
C LYS C 30 -1.73 9.09 -12.59
N LEU C 31 -2.90 8.79 -12.02
CA LEU C 31 -3.42 9.61 -10.94
C LEU C 31 -2.60 9.63 -9.66
N SER C 32 -1.82 8.58 -9.41
CA SER C 32 -1.00 8.61 -8.20
C SER C 32 0.43 8.95 -8.59
N GLU C 33 0.57 9.43 -9.83
CA GLU C 33 1.86 9.83 -10.36
C GLU C 33 2.95 8.78 -10.15
N SER C 34 2.59 7.55 -10.44
CA SER C 34 3.50 6.44 -10.29
C SER C 34 3.81 5.84 -11.68
N SER C 35 4.02 4.53 -11.74
CA SER C 35 4.32 3.88 -13.01
C SER C 35 3.80 2.45 -12.99
N LYS C 36 3.62 1.86 -14.17
CA LYS C 36 3.13 0.49 -14.25
C LYS C 36 4.08 -0.41 -13.49
N GLY C 37 5.39 -0.18 -13.69
CA GLY C 37 6.41 -0.97 -13.04
C GLY C 37 6.27 -0.93 -11.54
N ASN C 38 6.13 0.27 -10.99
CA ASN C 38 5.98 0.41 -9.56
C ASN C 38 4.76 -0.34 -9.05
N LEU C 39 3.64 -0.15 -9.75
CA LEU C 39 2.42 -0.80 -9.35
C LEU C 39 2.61 -2.32 -9.37
N TYR C 40 3.24 -2.84 -10.43
CA TYR C 40 3.48 -4.27 -10.55
C TYR C 40 4.34 -4.79 -9.40
N TYR C 41 5.45 -4.10 -9.13
CA TYR C 41 6.36 -4.48 -8.05
C TYR C 41 5.66 -4.53 -6.69
N HIS C 42 4.70 -3.64 -6.48
CA HIS C 42 4.01 -3.58 -5.21
C HIS C 42 2.81 -4.46 -5.09
N PHE C 43 2.05 -4.62 -6.18
CA PHE C 43 0.84 -5.41 -6.09
C PHE C 43 0.67 -6.49 -7.14
N LYS C 44 1.48 -6.44 -8.18
CA LYS C 44 1.41 -7.42 -9.26
C LYS C 44 0.13 -7.29 -10.08
N THR C 45 -1.02 -7.26 -9.42
CA THR C 45 -2.28 -7.14 -10.15
C THR C 45 -3.31 -6.26 -9.46
N LYS C 46 -4.33 -5.87 -10.22
CA LYS C 46 -5.41 -5.06 -9.66
C LYS C 46 -6.07 -5.85 -8.54
N GLU C 47 -6.25 -7.15 -8.76
CA GLU C 47 -6.87 -8.02 -7.76
C GLU C 47 -6.12 -7.95 -6.46
N ASN C 48 -4.80 -7.99 -6.55
CA ASN C 48 -4.00 -7.97 -5.35
C ASN C 48 -4.05 -6.60 -4.74
N LEU C 49 -3.98 -5.58 -5.59
CA LEU C 49 -4.06 -4.21 -5.12
C LEU C 49 -5.34 -4.06 -4.27
N PHE C 50 -6.46 -4.51 -4.83
CA PHE C 50 -7.73 -4.42 -4.15
C PHE C 50 -7.73 -5.17 -2.80
N LEU C 51 -7.06 -6.32 -2.78
CA LEU C 51 -6.99 -7.11 -1.57
C LEU C 51 -6.25 -6.41 -0.45
N GLU C 52 -5.24 -5.64 -0.86
CA GLU C 52 -4.41 -4.87 0.07
C GLU C 52 -5.18 -3.68 0.63
N ILE C 53 -6.06 -3.10 -0.17
CA ILE C 53 -6.88 -2.00 0.29
C ILE C 53 -7.79 -2.58 1.37
N LEU C 54 -8.40 -3.71 1.03
CA LEU C 54 -9.31 -4.43 1.93
C LEU C 54 -8.61 -4.77 3.24
N ASN C 55 -7.32 -5.03 3.13
CA ASN C 55 -6.51 -5.34 4.28
C ASN C 55 -6.40 -4.11 5.16
N ILE C 56 -6.04 -3.00 4.54
CA ILE C 56 -5.92 -1.75 5.27
C ILE C 56 -7.25 -1.40 5.89
N GLU C 57 -8.33 -1.50 5.12
CA GLU C 57 -9.68 -1.18 5.65
C GLU C 57 -9.93 -2.08 6.85
N GLU C 58 -9.57 -3.35 6.73
CA GLU C 58 -9.75 -4.28 7.82
C GLU C 58 -9.09 -3.78 9.10
N SER C 59 -7.85 -3.30 8.96
CA SER C 59 -7.10 -2.79 10.10
C SER C 59 -7.79 -1.62 10.76
N LYS C 60 -8.23 -0.66 9.94
CA LYS C 60 -8.92 0.51 10.45
C LYS C 60 -10.15 0.08 11.23
N TRP C 61 -10.90 -0.88 10.69
CA TRP C 61 -12.08 -1.36 11.37
C TRP C 61 -11.73 -1.91 12.74
N GLN C 62 -10.64 -2.65 12.84
CA GLN C 62 -10.24 -3.17 14.13
C GLN C 62 -9.89 -2.01 15.05
N GLU C 63 -9.05 -1.10 14.57
CA GLU C 63 -8.65 0.07 15.33
C GLU C 63 -9.90 0.79 15.87
N GLN C 64 -10.90 0.96 15.02
CA GLN C 64 -12.14 1.59 15.42
C GLN C 64 -12.78 0.81 16.55
N TRP C 65 -13.04 -0.47 16.30
CA TRP C 65 -13.68 -1.37 17.26
C TRP C 65 -12.99 -1.35 18.62
N LYS C 66 -11.66 -1.31 18.59
CA LYS C 66 -10.84 -1.29 19.81
C LYS C 66 -11.19 -0.11 20.69
N LYS C 67 -11.46 1.04 20.08
CA LYS C 67 -11.78 2.21 20.88
C LYS C 67 -13.27 2.36 21.06
N GLU C 68 -14.04 1.63 20.28
CA GLU C 68 -15.49 1.67 20.32
C GLU C 68 -16.09 0.70 21.34
N GLN C 69 -15.41 -0.43 21.57
CA GLN C 69 -15.87 -1.44 22.50
C GLN C 69 -15.76 -1.06 23.96
N ILE C 70 -15.27 0.15 24.21
CA ILE C 70 -15.13 0.65 25.58
C ILE C 70 -16.51 1.04 26.13
N LYS C 71 -17.47 1.21 25.23
CA LYS C 71 -18.83 1.56 25.60
C LYS C 71 -19.56 0.30 26.07
N ALA C 72 -18.93 -0.85 25.87
CA ALA C 72 -19.53 -2.13 26.26
C ALA C 72 -18.70 -2.85 27.33
N LYS C 73 -19.06 -2.63 28.59
CA LYS C 73 -18.36 -3.21 29.74
C LYS C 73 -18.21 -4.72 29.71
N THR C 74 -19.32 -5.41 29.46
CA THR C 74 -19.33 -6.88 29.41
C THR C 74 -19.40 -7.35 27.96
N ASN C 75 -18.87 -8.55 27.72
CA ASN C 75 -18.84 -9.14 26.40
C ASN C 75 -20.21 -9.32 25.77
N ARG C 76 -21.23 -9.54 26.59
CA ARG C 76 -22.59 -9.69 26.09
C ARG C 76 -22.86 -8.43 25.29
N GLU C 77 -22.56 -7.29 25.93
CA GLU C 77 -22.75 -5.99 25.32
C GLU C 77 -21.86 -5.80 24.09
N LYS C 78 -20.64 -6.29 24.17
CA LYS C 78 -19.73 -6.17 23.03
C LYS C 78 -20.35 -6.93 21.83
N PHE C 79 -21.05 -8.02 22.12
CA PHE C 79 -21.68 -8.78 21.05
C PHE C 79 -22.74 -7.92 20.39
N TYR C 80 -23.62 -7.38 21.22
CA TYR C 80 -24.71 -6.50 20.78
C TYR C 80 -24.18 -5.31 19.98
N LEU C 81 -23.21 -4.61 20.55
CA LEU C 81 -22.64 -3.43 19.93
C LEU C 81 -21.92 -3.69 18.61
N TYR C 82 -21.08 -4.71 18.60
CA TYR C 82 -20.32 -5.05 17.42
C TYR C 82 -21.24 -5.38 16.25
N ASN C 83 -22.32 -6.10 16.52
CA ASN C 83 -23.25 -6.47 15.46
C ASN C 83 -23.98 -5.27 14.96
N GLU C 84 -24.35 -4.38 15.89
CA GLU C 84 -25.07 -3.19 15.48
C GLU C 84 -24.14 -2.30 14.66
N LEU C 85 -22.89 -2.17 15.10
CA LEU C 85 -21.91 -1.36 14.38
C LEU C 85 -21.69 -1.86 12.96
N SER C 86 -21.68 -3.18 12.82
CA SER C 86 -21.44 -3.81 11.53
C SER C 86 -22.57 -3.49 10.59
N LEU C 87 -23.77 -3.38 11.15
CA LEU C 87 -24.95 -3.10 10.36
C LEU C 87 -25.05 -1.65 9.99
N THR C 88 -24.82 -0.77 10.95
CA THR C 88 -24.92 0.65 10.65
C THR C 88 -23.77 1.16 9.81
N THR C 89 -22.55 0.87 10.23
CA THR C 89 -21.41 1.36 9.47
C THR C 89 -21.41 0.91 8.02
N GLU C 90 -21.89 -0.29 7.73
CA GLU C 90 -21.88 -0.73 6.32
C GLU C 90 -22.99 -0.05 5.53
N TYR C 91 -24.02 0.46 6.20
CA TYR C 91 -25.10 1.09 5.47
C TYR C 91 -24.57 2.22 4.64
N TYR C 92 -23.50 2.84 5.12
CA TYR C 92 -22.89 3.95 4.43
C TYR C 92 -21.39 3.80 4.18
N TYR C 93 -20.98 2.57 3.90
CA TYR C 93 -19.59 2.27 3.61
C TYR C 93 -19.48 2.42 2.10
N PRO C 94 -18.66 3.38 1.63
CA PRO C 94 -18.49 3.64 0.19
C PRO C 94 -17.86 2.50 -0.60
N LEU C 95 -16.97 1.75 0.02
CA LEU C 95 -16.29 0.65 -0.68
C LEU C 95 -17.14 -0.60 -0.84
N GLN C 96 -18.23 -0.67 -0.08
CA GLN C 96 -19.09 -1.83 -0.12
C GLN C 96 -19.43 -2.31 -1.52
N ASN C 97 -19.79 -1.39 -2.40
CA ASN C 97 -20.15 -1.77 -3.74
C ASN C 97 -19.02 -2.43 -4.52
N ALA C 98 -17.83 -1.85 -4.45
CA ALA C 98 -16.68 -2.41 -5.16
C ALA C 98 -16.36 -3.77 -4.59
N ILE C 99 -16.61 -3.94 -3.30
CA ILE C 99 -16.36 -5.21 -2.65
C ILE C 99 -17.31 -6.24 -3.23
N ILE C 100 -18.61 -5.93 -3.27
CA ILE C 100 -19.61 -6.82 -3.83
C ILE C 100 -19.08 -7.25 -5.18
N GLU C 101 -18.79 -6.26 -6.02
CA GLU C 101 -18.29 -6.47 -7.36
C GLU C 101 -17.06 -7.40 -7.40
N PHE C 102 -16.12 -7.17 -6.48
CA PHE C 102 -14.90 -7.96 -6.40
C PHE C 102 -15.17 -9.40 -6.01
N TYR C 103 -15.94 -9.56 -4.94
CA TYR C 103 -16.29 -10.86 -4.40
C TYR C 103 -16.96 -11.71 -5.47
N THR C 104 -18.08 -11.19 -5.99
CA THR C 104 -18.86 -11.89 -7.00
C THR C 104 -18.16 -11.93 -8.34
N GLU C 105 -16.85 -11.73 -8.33
CA GLU C 105 -16.07 -11.70 -9.56
C GLU C 105 -14.88 -12.63 -9.43
N TYR C 106 -14.42 -12.85 -8.20
CA TYR C 106 -13.28 -13.71 -7.95
C TYR C 106 -13.58 -14.86 -7.01
N TYR C 107 -14.85 -15.23 -6.88
CA TYR C 107 -15.20 -16.33 -6.00
C TYR C 107 -15.21 -17.62 -6.78
N LYS C 108 -14.73 -17.56 -8.03
CA LYS C 108 -14.65 -18.71 -8.91
C LYS C 108 -13.21 -19.19 -8.94
N THR C 109 -12.28 -18.26 -8.79
CA THR C 109 -10.85 -18.56 -8.80
C THR C 109 -10.39 -18.74 -7.35
N ASN C 110 -9.85 -19.91 -7.04
CA ASN C 110 -9.41 -20.17 -5.67
C ASN C 110 -8.12 -19.42 -5.36
N SER C 111 -7.58 -18.76 -6.37
CA SER C 111 -6.36 -17.97 -6.23
C SER C 111 -6.62 -16.83 -5.24
N ILE C 112 -7.47 -15.89 -5.66
CA ILE C 112 -7.84 -14.74 -4.84
C ILE C 112 -8.76 -15.18 -3.69
N ASN C 113 -9.54 -16.24 -3.95
CA ASN C 113 -10.46 -16.77 -2.95
C ASN C 113 -9.70 -17.23 -1.72
N GLU C 114 -8.40 -17.48 -1.88
CA GLU C 114 -7.54 -17.92 -0.79
C GLU C 114 -7.24 -16.77 0.18
N LYS C 115 -6.59 -15.73 -0.33
CA LYS C 115 -6.24 -14.56 0.47
C LYS C 115 -7.45 -13.91 1.11
N MET C 116 -8.62 -14.11 0.52
CA MET C 116 -9.84 -13.50 1.07
C MET C 116 -10.24 -14.15 2.39
N ASN C 117 -9.92 -15.43 2.57
CA ASN C 117 -10.23 -16.07 3.81
C ASN C 117 -9.29 -15.60 4.93
N LYS C 118 -8.06 -15.29 4.56
CA LYS C 118 -7.12 -14.80 5.57
C LYS C 118 -7.75 -13.53 6.13
N LEU C 119 -8.37 -12.78 5.22
CA LEU C 119 -9.04 -11.53 5.54
C LEU C 119 -10.29 -11.72 6.37
N GLU C 120 -11.15 -12.63 5.93
CA GLU C 120 -12.39 -12.92 6.63
C GLU C 120 -12.06 -13.40 8.04
N ASN C 121 -11.00 -14.19 8.16
CA ASN C 121 -10.61 -14.72 9.45
C ASN C 121 -10.42 -13.58 10.43
N LYS C 122 -9.82 -12.50 9.95
CA LYS C 122 -9.58 -11.34 10.80
C LYS C 122 -10.89 -10.78 11.33
N TYR C 123 -11.92 -10.77 10.49
CA TYR C 123 -13.21 -10.25 10.89
C TYR C 123 -13.83 -11.18 11.93
N ILE C 124 -13.52 -12.47 11.84
CA ILE C 124 -14.05 -13.44 12.77
C ILE C 124 -13.33 -13.38 14.13
N ASP C 125 -12.08 -12.97 14.14
CA ASP C 125 -11.33 -12.88 15.39
C ASP C 125 -12.12 -12.03 16.36
N ALA C 126 -12.66 -10.92 15.86
CA ALA C 126 -13.45 -10.02 16.69
C ALA C 126 -14.38 -10.84 17.58
N TYR C 127 -15.15 -11.73 16.97
CA TYR C 127 -16.08 -12.59 17.67
C TYR C 127 -15.34 -13.54 18.59
N HIS C 128 -14.31 -14.16 18.04
CA HIS C 128 -13.50 -15.09 18.79
C HIS C 128 -13.16 -14.48 20.14
N VAL C 129 -12.52 -13.31 20.12
CA VAL C 129 -12.15 -12.62 21.34
C VAL C 129 -13.35 -12.45 22.27
N ILE C 130 -14.44 -11.91 21.74
CA ILE C 130 -15.65 -11.70 22.54
C ILE C 130 -16.10 -12.99 23.23
N PHE C 131 -16.21 -14.06 22.47
CA PHE C 131 -16.64 -15.34 23.00
C PHE C 131 -15.66 -15.95 24.00
N LYS C 132 -14.36 -15.87 23.71
CA LYS C 132 -13.36 -16.39 24.62
C LYS C 132 -13.48 -15.59 25.91
N GLU C 133 -13.25 -14.28 25.80
CA GLU C 133 -13.34 -13.40 26.95
C GLU C 133 -14.61 -13.64 27.73
N GLY C 134 -15.71 -13.83 27.02
CA GLY C 134 -16.98 -14.06 27.67
C GLY C 134 -16.93 -15.27 28.58
N ASN C 135 -16.20 -16.29 28.14
CA ASN C 135 -16.02 -17.53 28.90
C ASN C 135 -15.31 -17.26 30.22
N LEU C 136 -14.18 -16.57 30.17
CA LEU C 136 -13.42 -16.24 31.37
C LEU C 136 -14.11 -15.21 32.25
N ASN C 137 -15.42 -15.05 32.09
CA ASN C 137 -16.19 -14.11 32.89
C ASN C 137 -17.55 -14.71 33.19
N GLY C 138 -17.66 -16.00 32.97
CA GLY C 138 -18.90 -16.69 33.23
C GLY C 138 -20.11 -15.98 32.65
N GLU C 139 -19.92 -15.30 31.52
CA GLU C 139 -21.03 -14.62 30.88
C GLU C 139 -21.76 -15.73 30.13
N TRP C 140 -21.01 -16.77 29.81
CA TRP C 140 -21.55 -17.90 29.10
C TRP C 140 -20.47 -18.94 29.09
N SER C 141 -20.79 -20.10 28.55
CA SER C 141 -19.81 -21.17 28.48
C SER C 141 -19.87 -21.87 27.14
N ILE C 142 -18.88 -21.61 26.31
CA ILE C 142 -18.84 -22.22 25.00
C ILE C 142 -17.53 -22.98 24.93
N ASN C 143 -17.59 -24.21 24.46
CA ASN C 143 -16.39 -25.02 24.37
C ASN C 143 -15.89 -25.05 22.93
N ASP C 144 -16.74 -24.66 22.00
CA ASP C 144 -16.39 -24.63 20.58
C ASP C 144 -16.39 -23.20 20.05
N VAL C 145 -15.64 -22.34 20.72
CA VAL C 145 -15.55 -20.94 20.35
C VAL C 145 -15.38 -20.74 18.85
N ASN C 146 -14.24 -21.14 18.30
CA ASN C 146 -13.99 -21.00 16.87
C ASN C 146 -15.24 -21.22 16.03
N ALA C 147 -15.96 -22.28 16.35
CA ALA C 147 -17.16 -22.62 15.61
C ALA C 147 -18.22 -21.54 15.77
N VAL C 148 -18.72 -21.38 16.99
CA VAL C 148 -19.74 -20.40 17.28
C VAL C 148 -19.36 -19.05 16.65
N SER C 149 -18.06 -18.76 16.63
CA SER C 149 -17.54 -17.52 16.06
C SER C 149 -17.77 -17.42 14.55
N LYS C 150 -17.42 -18.45 13.81
CA LYS C 150 -17.63 -18.41 12.35
C LYS C 150 -19.13 -18.26 12.11
N ILE C 151 -19.92 -18.85 13.00
CA ILE C 151 -21.35 -18.78 12.86
C ILE C 151 -21.84 -17.35 13.07
N ALA C 152 -21.55 -16.77 14.23
CA ALA C 152 -21.96 -15.41 14.51
C ALA C 152 -21.52 -14.49 13.37
N ALA C 153 -20.27 -14.66 12.94
CA ALA C 153 -19.76 -13.82 11.87
C ALA C 153 -20.65 -13.89 10.64
N ASN C 154 -20.86 -15.09 10.11
CA ASN C 154 -21.67 -15.25 8.92
C ASN C 154 -23.17 -15.04 9.12
N ALA C 155 -23.68 -15.35 10.29
CA ALA C 155 -25.09 -15.15 10.54
C ALA C 155 -25.29 -13.64 10.47
N VAL C 156 -24.46 -12.90 11.21
CA VAL C 156 -24.56 -11.45 11.22
C VAL C 156 -24.39 -10.84 9.83
N ASN C 157 -23.38 -11.30 9.08
CA ASN C 157 -23.19 -10.73 7.76
C ASN C 157 -24.38 -10.94 6.83
N GLY C 158 -25.08 -12.05 7.02
CA GLY C 158 -26.24 -12.32 6.18
C GLY C 158 -27.38 -11.38 6.51
N ILE C 159 -27.55 -11.09 7.80
CA ILE C 159 -28.60 -10.18 8.22
C ILE C 159 -28.29 -8.81 7.65
N VAL C 160 -27.02 -8.42 7.69
CA VAL C 160 -26.60 -7.13 7.17
C VAL C 160 -26.73 -7.04 5.65
N THR C 161 -26.34 -8.10 4.97
CA THR C 161 -26.34 -8.18 3.52
C THR C 161 -27.66 -8.40 2.78
N PHE C 162 -28.52 -9.25 3.32
CA PHE C 162 -29.78 -9.56 2.65
C PHE C 162 -31.05 -8.90 3.19
N THR C 163 -30.90 -7.78 3.86
CA THR C 163 -32.05 -7.09 4.39
C THR C 163 -32.09 -5.69 3.79
N HIS C 164 -31.62 -5.54 2.56
CA HIS C 164 -31.62 -4.21 1.94
C HIS C 164 -32.96 -3.83 1.29
N GLU C 165 -33.78 -3.07 2.02
CA GLU C 165 -35.08 -2.61 1.53
C GLU C 165 -35.87 -1.85 2.60
N GLN C 166 -35.83 -2.33 3.83
CA GLN C 166 -36.56 -1.69 4.94
C GLN C 166 -35.83 -0.52 5.58
N ASN C 167 -36.57 0.27 6.37
CA ASN C 167 -36.00 1.43 7.06
C ASN C 167 -34.99 1.05 8.14
N ILE C 168 -33.89 1.79 8.17
CA ILE C 168 -32.79 1.57 9.08
C ILE C 168 -33.13 1.22 10.53
N ASN C 169 -34.27 1.66 11.02
CA ASN C 169 -34.61 1.36 12.40
C ASN C 169 -35.00 -0.11 12.56
N GLU C 170 -35.86 -0.56 11.65
CA GLU C 170 -36.33 -1.94 11.68
C GLU C 170 -35.15 -2.90 11.70
N ARG C 171 -34.20 -2.66 10.81
CA ARG C 171 -33.01 -3.48 10.72
C ARG C 171 -32.33 -3.57 12.07
N ILE C 172 -31.92 -2.43 12.63
CA ILE C 172 -31.25 -2.40 13.93
C ILE C 172 -32.10 -3.14 14.97
N LYS C 173 -33.41 -2.97 14.88
CA LYS C 173 -34.34 -3.64 15.79
C LYS C 173 -34.17 -5.17 15.62
N LEU C 174 -34.15 -5.63 14.37
CA LEU C 174 -33.99 -7.04 14.06
C LEU C 174 -32.62 -7.56 14.46
N MET C 175 -31.57 -6.85 14.04
CA MET C 175 -30.21 -7.27 14.38
C MET C 175 -30.11 -7.43 15.89
N ASN C 176 -30.72 -6.52 16.63
CA ASN C 176 -30.65 -6.64 18.08
C ASN C 176 -31.45 -7.84 18.57
N LYS C 177 -32.58 -8.09 17.93
CA LYS C 177 -33.39 -9.26 18.32
C LYS C 177 -32.51 -10.48 18.12
N PHE C 178 -31.77 -10.49 17.02
CA PHE C 178 -30.89 -11.62 16.74
C PHE C 178 -29.84 -11.79 17.84
N SER C 179 -29.08 -10.74 18.14
CA SER C 179 -28.04 -10.83 19.17
C SER C 179 -28.63 -11.36 20.47
N GLN C 180 -29.90 -11.03 20.69
CA GLN C 180 -30.58 -11.46 21.90
C GLN C 180 -30.81 -12.96 21.84
N ILE C 181 -31.52 -13.40 20.79
CA ILE C 181 -31.81 -14.80 20.61
C ILE C 181 -30.53 -15.61 20.67
N PHE C 182 -29.58 -15.25 19.82
CA PHE C 182 -28.31 -15.96 19.75
C PHE C 182 -27.58 -16.09 21.09
N LEU C 183 -27.41 -14.97 21.79
CA LEU C 183 -26.72 -15.02 23.07
C LEU C 183 -27.49 -15.85 24.10
N ASN C 184 -28.78 -16.06 23.83
CA ASN C 184 -29.60 -16.81 24.76
C ASN C 184 -29.44 -18.30 24.53
N GLY C 185 -29.29 -18.68 23.27
CA GLY C 185 -29.10 -20.08 22.96
C GLY C 185 -27.73 -20.60 23.35
N LEU C 186 -26.91 -19.76 23.98
CA LEU C 186 -25.58 -20.18 24.39
C LEU C 186 -25.59 -20.65 25.83
N SER C 187 -26.70 -20.40 26.51
CA SER C 187 -26.83 -20.78 27.91
C SER C 187 -27.45 -22.18 28.09
N ASN D 2 5.13 -9.40 -21.33
CA ASN D 2 5.92 -8.21 -20.99
C ASN D 2 6.89 -8.49 -19.85
N LEU D 3 7.46 -9.69 -19.81
CA LEU D 3 8.43 -10.04 -18.76
C LEU D 3 9.58 -9.03 -18.77
N LYS D 4 9.94 -8.55 -19.95
CA LYS D 4 11.02 -7.57 -20.07
C LYS D 4 10.66 -6.36 -19.22
N ASP D 5 9.40 -5.93 -19.34
CA ASP D 5 8.89 -4.79 -18.60
C ASP D 5 8.77 -5.05 -17.11
N LYS D 6 8.47 -6.28 -16.73
CA LYS D 6 8.35 -6.66 -15.33
C LYS D 6 9.70 -6.60 -14.65
N ILE D 7 10.73 -7.08 -15.33
CA ILE D 7 12.10 -7.10 -14.82
C ILE D 7 12.52 -5.66 -14.51
N LEU D 8 12.49 -4.82 -15.54
CA LEU D 8 12.86 -3.42 -15.42
C LEU D 8 12.12 -2.73 -14.28
N GLY D 9 10.83 -3.04 -14.13
CA GLY D 9 10.03 -2.45 -13.08
C GLY D 9 10.50 -2.86 -11.71
N VAL D 10 10.55 -4.16 -11.48
CA VAL D 10 10.97 -4.70 -10.20
C VAL D 10 12.43 -4.34 -9.90
N ALA D 11 13.30 -4.45 -10.90
CA ALA D 11 14.70 -4.11 -10.73
C ALA D 11 14.85 -2.68 -10.21
N LYS D 12 14.27 -1.72 -10.93
CA LYS D 12 14.35 -0.32 -10.52
C LYS D 12 13.89 -0.13 -9.07
N GLU D 13 12.81 -0.80 -8.68
CA GLU D 13 12.32 -0.66 -7.32
C GLU D 13 13.30 -1.21 -6.29
N LEU D 14 13.90 -2.36 -6.61
CA LEU D 14 14.85 -2.97 -5.69
C LEU D 14 16.08 -2.09 -5.56
N PHE D 15 16.62 -1.66 -6.70
CA PHE D 15 17.78 -0.78 -6.69
C PHE D 15 17.52 0.44 -5.81
N ILE D 16 16.32 1.01 -5.95
CA ILE D 16 15.99 2.18 -5.17
C ILE D 16 15.99 1.91 -3.70
N LYS D 17 15.44 0.74 -3.33
CA LYS D 17 15.33 0.34 -1.94
C LYS D 17 16.61 -0.15 -1.30
N ASN D 18 17.32 -1.04 -1.99
CA ASN D 18 18.55 -1.64 -1.47
C ASN D 18 19.86 -0.96 -1.88
N GLY D 19 19.99 -0.65 -3.16
CA GLY D 19 21.20 -0.04 -3.66
C GLY D 19 21.57 -0.93 -4.82
N TYR D 20 22.75 -0.73 -5.40
CA TYR D 20 23.15 -1.59 -6.53
C TYR D 20 23.67 -2.96 -6.13
N ASN D 21 24.60 -2.96 -5.18
CA ASN D 21 25.22 -4.20 -4.75
C ASN D 21 24.27 -5.23 -4.14
N ALA D 22 23.50 -4.81 -3.13
CA ALA D 22 22.58 -5.73 -2.46
C ALA D 22 21.53 -6.33 -3.37
N THR D 23 21.28 -5.68 -4.50
CA THR D 23 20.28 -6.14 -5.44
C THR D 23 20.89 -7.24 -6.31
N THR D 24 20.44 -8.48 -6.11
CA THR D 24 20.94 -9.60 -6.90
C THR D 24 19.96 -9.95 -8.01
N THR D 25 20.49 -10.33 -9.15
CA THR D 25 19.70 -10.71 -10.32
C THR D 25 18.67 -11.78 -9.91
N GLY D 26 19.04 -12.60 -8.93
CA GLY D 26 18.15 -13.64 -8.46
C GLY D 26 16.87 -13.11 -7.88
N GLU D 27 17.01 -12.18 -6.94
CA GLU D 27 15.89 -11.55 -6.28
C GLU D 27 14.98 -10.85 -7.30
N ILE D 28 15.60 -10.23 -8.30
CA ILE D 28 14.82 -9.56 -9.34
C ILE D 28 13.94 -10.61 -9.99
N VAL D 29 14.54 -11.76 -10.30
CA VAL D 29 13.84 -12.86 -10.92
C VAL D 29 12.67 -13.38 -10.09
N LYS D 30 12.83 -13.47 -8.77
CA LYS D 30 11.74 -13.94 -7.93
C LYS D 30 10.55 -12.98 -7.98
N LEU D 31 10.77 -11.72 -7.62
CA LEU D 31 9.72 -10.70 -7.61
C LEU D 31 9.14 -10.37 -8.98
N SER D 32 9.81 -10.79 -10.06
CA SER D 32 9.26 -10.49 -11.38
C SER D 32 8.61 -11.70 -12.01
N GLU D 33 8.47 -12.78 -11.24
CA GLU D 33 7.87 -14.01 -11.74
C GLU D 33 8.54 -14.37 -13.05
N SER D 34 9.85 -14.55 -13.03
CA SER D 34 10.59 -14.87 -14.22
C SER D 34 11.72 -15.84 -13.89
N SER D 35 12.74 -15.86 -14.74
CA SER D 35 13.89 -16.74 -14.57
C SER D 35 15.20 -16.01 -14.89
N LYS D 36 16.27 -16.41 -14.19
CA LYS D 36 17.59 -15.82 -14.43
C LYS D 36 17.88 -15.96 -15.92
N GLY D 37 17.62 -17.16 -16.45
CA GLY D 37 17.83 -17.38 -17.86
C GLY D 37 17.13 -16.30 -18.67
N ASN D 38 15.82 -16.18 -18.45
CA ASN D 38 15.04 -15.18 -19.15
C ASN D 38 15.57 -13.77 -18.92
N LEU D 39 16.02 -13.49 -17.70
CA LEU D 39 16.53 -12.16 -17.41
C LEU D 39 17.76 -11.91 -18.25
N TYR D 40 18.71 -12.85 -18.18
CA TYR D 40 19.98 -12.76 -18.91
C TYR D 40 19.80 -12.68 -20.40
N TYR D 41 18.77 -13.35 -20.92
CA TYR D 41 18.47 -13.31 -22.35
C TYR D 41 18.12 -11.87 -22.75
N HIS D 42 17.19 -11.26 -22.02
CA HIS D 42 16.73 -9.89 -22.30
C HIS D 42 17.81 -8.85 -22.06
N PHE D 43 18.55 -9.03 -20.97
CA PHE D 43 19.63 -8.10 -20.62
C PHE D 43 20.88 -8.95 -20.47
N LYS D 44 21.91 -8.64 -21.24
CA LYS D 44 23.16 -9.40 -21.20
C LYS D 44 23.63 -9.65 -19.78
N THR D 45 23.70 -8.58 -18.99
CA THR D 45 24.15 -8.67 -17.59
C THR D 45 23.35 -7.77 -16.66
N LYS D 46 23.68 -7.83 -15.37
CA LYS D 46 23.00 -7.02 -14.38
C LYS D 46 23.41 -5.58 -14.65
N GLU D 47 24.66 -5.41 -15.03
CA GLU D 47 25.20 -4.10 -15.34
C GLU D 47 24.43 -3.49 -16.51
N ASN D 48 24.25 -4.28 -17.57
CA ASN D 48 23.53 -3.82 -18.77
C ASN D 48 22.07 -3.48 -18.43
N LEU D 49 21.47 -4.27 -17.55
CA LEU D 49 20.10 -4.06 -17.11
C LEU D 49 20.02 -2.68 -16.45
N PHE D 50 20.77 -2.54 -15.38
CA PHE D 50 20.80 -1.30 -14.64
C PHE D 50 21.04 -0.12 -15.55
N LEU D 51 21.91 -0.30 -16.54
CA LEU D 51 22.23 0.76 -17.47
C LEU D 51 21.05 1.15 -18.35
N GLU D 52 20.18 0.19 -18.65
CA GLU D 52 19.02 0.47 -19.47
C GLU D 52 17.97 1.18 -18.61
N ILE D 53 17.94 0.84 -17.33
CA ILE D 53 17.01 1.46 -16.40
C ILE D 53 17.37 2.94 -16.34
N LEU D 54 18.67 3.19 -16.24
CA LEU D 54 19.21 4.54 -16.19
C LEU D 54 18.84 5.29 -17.46
N ASN D 55 18.91 4.61 -18.58
CA ASN D 55 18.58 5.27 -19.82
C ASN D 55 17.13 5.70 -19.82
N ILE D 56 16.25 4.78 -19.45
CA ILE D 56 14.84 5.10 -19.40
C ILE D 56 14.60 6.25 -18.42
N GLU D 57 15.23 6.16 -17.24
CA GLU D 57 15.07 7.20 -16.25
C GLU D 57 15.35 8.58 -16.81
N GLU D 58 16.59 8.85 -17.23
CA GLU D 58 16.90 10.17 -17.75
C GLU D 58 15.99 10.57 -18.90
N SER D 59 15.55 9.59 -19.68
CA SER D 59 14.65 9.88 -20.78
C SER D 59 13.33 10.44 -20.23
N LYS D 60 12.72 9.71 -19.31
CA LYS D 60 11.47 10.13 -18.70
C LYS D 60 11.61 11.52 -18.05
N TRP D 61 12.76 11.76 -17.42
CA TRP D 61 13.02 13.04 -16.75
C TRP D 61 13.10 14.17 -17.77
N GLN D 62 13.93 13.97 -18.78
CA GLN D 62 14.12 14.96 -19.83
C GLN D 62 12.76 15.32 -20.41
N GLU D 63 11.97 14.30 -20.72
CA GLU D 63 10.64 14.48 -21.29
C GLU D 63 9.76 15.28 -20.33
N GLN D 64 9.81 14.94 -19.05
CA GLN D 64 9.04 15.64 -18.04
C GLN D 64 9.48 17.11 -17.95
N TRP D 65 10.78 17.34 -17.86
CA TRP D 65 11.30 18.70 -17.77
C TRP D 65 10.92 19.51 -18.99
N LYS D 66 10.87 18.83 -20.13
CA LYS D 66 10.52 19.45 -21.40
C LYS D 66 9.15 20.09 -21.35
N LYS D 67 8.15 19.34 -20.90
CA LYS D 67 6.80 19.87 -20.84
C LYS D 67 6.56 20.72 -19.61
N GLU D 68 7.46 20.63 -18.65
CA GLU D 68 7.29 21.39 -17.43
C GLU D 68 7.91 22.78 -17.47
N GLN D 69 9.06 22.91 -18.13
CA GLN D 69 9.77 24.18 -18.21
C GLN D 69 8.98 25.28 -18.87
N ILE D 70 8.00 24.90 -19.67
CA ILE D 70 7.16 25.88 -20.36
C ILE D 70 6.48 26.78 -19.33
N LYS D 71 6.09 26.19 -18.20
CA LYS D 71 5.41 26.91 -17.14
C LYS D 71 6.25 28.04 -16.53
N ALA D 72 7.52 28.09 -16.90
CA ALA D 72 8.39 29.12 -16.35
C ALA D 72 8.87 30.03 -17.47
N LYS D 73 8.62 31.32 -17.33
CA LYS D 73 9.00 32.30 -18.33
C LYS D 73 10.49 32.55 -18.33
N THR D 74 10.98 33.22 -17.30
CA THR D 74 12.40 33.53 -17.19
C THR D 74 13.21 32.27 -16.89
N ASN D 75 14.52 32.35 -17.08
CA ASN D 75 15.41 31.24 -16.79
C ASN D 75 15.62 31.16 -15.29
N ARG D 76 15.55 32.31 -14.64
CA ARG D 76 15.71 32.35 -13.20
C ARG D 76 14.59 31.50 -12.60
N GLU D 77 13.42 31.58 -13.21
CA GLU D 77 12.26 30.81 -12.74
C GLU D 77 12.45 29.32 -13.07
N LYS D 78 13.07 29.04 -14.21
CA LYS D 78 13.31 27.68 -14.61
C LYS D 78 14.26 27.00 -13.61
N PHE D 79 15.22 27.75 -13.09
CA PHE D 79 16.16 27.20 -12.11
C PHE D 79 15.39 26.77 -10.85
N TYR D 80 14.54 27.65 -10.33
CA TYR D 80 13.74 27.36 -9.15
C TYR D 80 12.89 26.10 -9.40
N LEU D 81 12.10 26.14 -10.48
CA LEU D 81 11.20 25.05 -10.84
C LEU D 81 11.94 23.73 -10.95
N TYR D 82 12.98 23.67 -11.77
CA TYR D 82 13.75 22.45 -11.93
C TYR D 82 14.17 21.84 -10.59
N ASN D 83 14.76 22.66 -9.73
CA ASN D 83 15.23 22.18 -8.44
C ASN D 83 14.08 21.66 -7.58
N GLU D 84 12.90 22.24 -7.76
CA GLU D 84 11.72 21.86 -7.01
C GLU D 84 11.21 20.49 -7.52
N LEU D 85 11.16 20.34 -8.84
CA LEU D 85 10.73 19.09 -9.44
C LEU D 85 11.62 17.96 -8.98
N SER D 86 12.92 18.24 -8.87
CA SER D 86 13.89 17.24 -8.44
C SER D 86 13.41 16.59 -7.16
N LEU D 87 12.79 17.40 -6.32
CA LEU D 87 12.27 16.92 -5.05
C LEU D 87 11.06 16.01 -5.19
N THR D 88 10.22 16.28 -6.16
CA THR D 88 9.00 15.52 -6.35
C THR D 88 8.92 14.55 -7.49
N THR D 89 9.85 14.60 -8.43
CA THR D 89 9.80 13.67 -9.53
C THR D 89 10.05 12.25 -9.01
N GLU D 90 9.78 11.25 -9.83
CA GLU D 90 10.00 9.87 -9.42
C GLU D 90 11.08 9.29 -10.33
N TYR D 91 11.77 10.19 -11.04
CA TYR D 91 12.79 9.78 -11.98
C TYR D 91 14.20 10.17 -11.59
N TYR D 92 15.14 9.30 -11.91
CA TYR D 92 16.54 9.51 -11.65
C TYR D 92 16.90 9.72 -10.18
N TYR D 93 16.43 10.82 -9.59
CA TYR D 93 16.78 11.11 -8.21
C TYR D 93 16.58 9.99 -7.19
N PRO D 94 15.48 9.24 -7.31
CA PRO D 94 15.24 8.13 -6.36
C PRO D 94 16.37 7.07 -6.38
N LEU D 95 17.02 6.94 -7.54
CA LEU D 95 18.08 5.97 -7.78
C LEU D 95 19.46 6.57 -7.65
N GLN D 96 19.59 7.68 -6.96
CA GLN D 96 20.89 8.31 -6.85
C GLN D 96 21.97 7.42 -6.26
N ASN D 97 21.73 6.92 -5.05
CA ASN D 97 22.72 6.08 -4.42
C ASN D 97 23.18 4.95 -5.31
N ALA D 98 22.23 4.16 -5.78
CA ALA D 98 22.54 3.04 -6.66
C ALA D 98 23.43 3.50 -7.80
N ILE D 99 23.18 4.71 -8.30
CA ILE D 99 24.00 5.22 -9.39
C ILE D 99 25.39 5.49 -8.86
N ILE D 100 25.49 6.06 -7.66
CA ILE D 100 26.80 6.33 -7.06
C ILE D 100 27.59 5.03 -7.06
N GLU D 101 27.11 4.06 -6.30
CA GLU D 101 27.73 2.74 -6.21
C GLU D 101 28.16 2.22 -7.58
N PHE D 102 27.18 2.02 -8.45
CA PHE D 102 27.45 1.51 -9.78
C PHE D 102 28.61 2.21 -10.45
N TYR D 103 28.67 3.53 -10.29
CA TYR D 103 29.73 4.34 -10.90
C TYR D 103 31.09 4.13 -10.24
N THR D 104 31.15 4.11 -8.93
CA THR D 104 32.44 3.91 -8.28
C THR D 104 32.92 2.48 -8.48
N GLU D 105 31.99 1.59 -8.84
CA GLU D 105 32.34 0.19 -9.04
C GLU D 105 32.64 -0.17 -10.48
N TYR D 106 32.37 0.73 -11.41
CA TYR D 106 32.63 0.43 -12.81
C TYR D 106 33.16 1.63 -13.57
N TYR D 107 33.84 2.55 -12.89
CA TYR D 107 34.37 3.72 -13.58
C TYR D 107 35.74 3.46 -14.19
N LYS D 108 36.27 2.27 -13.96
CA LYS D 108 37.58 1.88 -14.50
C LYS D 108 37.38 1.16 -15.82
N THR D 109 36.15 0.74 -16.08
CA THR D 109 35.83 0.04 -17.32
C THR D 109 35.32 1.07 -18.33
N ASN D 110 36.22 1.56 -19.19
CA ASN D 110 35.85 2.57 -20.18
C ASN D 110 34.61 2.21 -21.00
N SER D 111 34.21 0.94 -20.97
CA SER D 111 33.04 0.50 -21.70
C SER D 111 31.81 1.19 -21.11
N ILE D 112 31.60 0.96 -19.81
CA ILE D 112 30.49 1.54 -19.07
C ILE D 112 30.66 3.05 -18.93
N ASN D 113 31.87 3.45 -18.53
CA ASN D 113 32.21 4.87 -18.34
C ASN D 113 31.71 5.75 -19.50
N GLU D 114 31.68 5.19 -20.72
CA GLU D 114 31.21 5.92 -21.89
C GLU D 114 29.72 6.24 -21.72
N LYS D 115 28.92 5.18 -21.68
CA LYS D 115 27.48 5.28 -21.51
C LYS D 115 27.13 6.06 -20.26
N MET D 116 27.91 5.84 -19.19
CA MET D 116 27.69 6.48 -17.91
C MET D 116 27.94 7.98 -17.93
N ASN D 117 29.05 8.38 -18.53
CA ASN D 117 29.37 9.80 -18.60
C ASN D 117 28.46 10.55 -19.56
N LYS D 118 27.98 9.86 -20.59
CA LYS D 118 27.08 10.48 -21.54
C LYS D 118 25.76 10.76 -20.81
N LEU D 119 25.45 9.94 -19.81
CA LEU D 119 24.25 10.10 -19.02
C LEU D 119 24.43 11.26 -18.03
N GLU D 120 25.60 11.32 -17.39
CA GLU D 120 25.87 12.38 -16.43
C GLU D 120 25.83 13.73 -17.12
N ASN D 121 26.25 13.74 -18.39
CA ASN D 121 26.26 14.97 -19.18
C ASN D 121 24.88 15.55 -19.39
N LYS D 122 23.91 14.70 -19.73
CA LYS D 122 22.55 15.16 -19.96
C LYS D 122 21.90 15.73 -18.71
N TYR D 123 22.08 15.05 -17.58
CA TYR D 123 21.51 15.50 -16.33
C TYR D 123 22.19 16.80 -15.87
N ILE D 124 23.23 17.24 -16.58
CA ILE D 124 23.92 18.51 -16.27
C ILE D 124 23.50 19.54 -17.31
N ASP D 125 23.37 19.09 -18.55
CA ASP D 125 23.02 19.96 -19.65
C ASP D 125 21.76 20.75 -19.36
N ALA D 126 20.88 20.18 -18.56
CA ALA D 126 19.65 20.88 -18.19
C ALA D 126 20.01 22.20 -17.53
N TYR D 127 20.96 22.15 -16.60
CA TYR D 127 21.40 23.34 -15.89
C TYR D 127 22.19 24.20 -16.86
N HIS D 128 22.91 23.54 -17.74
CA HIS D 128 23.73 24.20 -18.75
C HIS D 128 22.85 25.17 -19.55
N VAL D 129 21.79 24.63 -20.17
CA VAL D 129 20.88 25.44 -20.95
C VAL D 129 20.31 26.62 -20.18
N ILE D 130 19.90 26.38 -18.94
CA ILE D 130 19.34 27.44 -18.13
C ILE D 130 20.34 28.57 -17.90
N PHE D 131 21.58 28.20 -17.58
CA PHE D 131 22.62 29.19 -17.33
C PHE D 131 23.09 29.88 -18.61
N LYS D 132 23.21 29.13 -19.70
CA LYS D 132 23.62 29.74 -20.96
C LYS D 132 22.52 30.69 -21.41
N GLU D 133 21.32 30.14 -21.61
CA GLU D 133 20.19 30.94 -22.07
C GLU D 133 19.93 32.11 -21.14
N GLY D 134 20.32 31.94 -19.88
CA GLY D 134 20.14 33.02 -18.93
C GLY D 134 21.12 34.14 -19.22
N ASN D 135 22.32 33.76 -19.66
CA ASN D 135 23.36 34.73 -19.99
C ASN D 135 22.91 35.63 -21.14
N LEU D 136 22.49 35.02 -22.24
CA LEU D 136 22.05 35.79 -23.40
C LEU D 136 20.67 36.41 -23.21
N ASN D 137 20.28 36.61 -21.95
CA ASN D 137 19.00 37.22 -21.60
C ASN D 137 19.20 38.14 -20.41
N GLY D 138 20.45 38.47 -20.15
CA GLY D 138 20.78 39.38 -19.06
C GLY D 138 20.31 39.00 -17.65
N GLU D 139 19.67 37.85 -17.52
CA GLU D 139 19.21 37.45 -16.20
C GLU D 139 20.40 37.32 -15.27
N TRP D 140 21.58 37.17 -15.86
CA TRP D 140 22.80 37.04 -15.08
C TRP D 140 24.02 36.94 -15.99
N SER D 141 25.19 36.82 -15.35
CA SER D 141 26.45 36.70 -16.07
C SER D 141 27.28 35.57 -15.43
N ILE D 142 27.51 34.51 -16.20
CA ILE D 142 28.26 33.37 -15.69
C ILE D 142 29.59 33.15 -16.41
N ASN D 143 30.68 33.25 -15.66
CA ASN D 143 32.03 33.02 -16.17
C ASN D 143 32.06 31.71 -16.96
N ASP D 144 32.14 30.58 -16.24
CA ASP D 144 32.13 29.27 -16.87
C ASP D 144 30.83 28.57 -16.49
N VAL D 145 30.00 28.32 -17.49
CA VAL D 145 28.71 27.67 -17.29
C VAL D 145 28.85 26.21 -16.86
N ASN D 146 29.75 25.47 -17.50
CA ASN D 146 29.92 24.06 -17.17
C ASN D 146 30.25 23.86 -15.72
N ALA D 147 31.07 24.75 -15.17
CA ALA D 147 31.45 24.65 -13.77
C ALA D 147 30.19 24.80 -12.94
N VAL D 148 29.66 26.01 -12.92
CA VAL D 148 28.47 26.34 -12.17
C VAL D 148 27.33 25.34 -12.38
N SER D 149 27.25 24.72 -13.55
CA SER D 149 26.20 23.74 -13.81
C SER D 149 26.43 22.44 -13.01
N LYS D 150 27.66 21.93 -13.04
CA LYS D 150 27.99 20.72 -12.30
C LYS D 150 27.72 21.02 -10.83
N ILE D 151 28.09 22.21 -10.38
CA ILE D 151 27.88 22.57 -8.99
C ILE D 151 26.41 22.59 -8.64
N ALA D 152 25.60 23.25 -9.46
CA ALA D 152 24.18 23.31 -9.20
C ALA D 152 23.62 21.89 -9.16
N ALA D 153 23.86 21.13 -10.22
CA ALA D 153 23.36 19.77 -10.31
C ALA D 153 23.69 18.94 -9.07
N ASN D 154 24.96 18.91 -8.69
CA ASN D 154 25.34 18.12 -7.52
C ASN D 154 24.88 18.69 -6.21
N ALA D 155 24.80 20.01 -6.12
CA ALA D 155 24.34 20.63 -4.89
C ALA D 155 22.88 20.24 -4.69
N VAL D 156 22.08 20.42 -5.73
CA VAL D 156 20.66 20.09 -5.72
C VAL D 156 20.45 18.60 -5.44
N ASN D 157 21.22 17.77 -6.12
CA ASN D 157 21.16 16.33 -5.96
C ASN D 157 21.45 16.00 -4.49
N GLY D 158 22.17 16.90 -3.84
CA GLY D 158 22.50 16.70 -2.44
C GLY D 158 21.34 17.06 -1.54
N ILE D 159 20.67 18.17 -1.83
CA ILE D 159 19.51 18.62 -1.06
C ILE D 159 18.46 17.52 -1.15
N VAL D 160 18.17 17.10 -2.37
CA VAL D 160 17.18 16.06 -2.60
C VAL D 160 17.47 14.78 -1.83
N THR D 161 18.52 14.07 -2.20
CA THR D 161 18.85 12.80 -1.55
C THR D 161 19.36 12.86 -0.11
N PHE D 162 19.24 14.01 0.55
CA PHE D 162 19.71 14.14 1.94
C PHE D 162 18.68 14.83 2.83
N THR D 163 17.44 14.87 2.38
CA THR D 163 16.36 15.48 3.15
C THR D 163 15.08 14.66 2.99
N HIS D 164 15.24 13.36 2.69
CA HIS D 164 14.10 12.44 2.51
C HIS D 164 13.38 12.20 3.86
N GLU D 165 13.53 13.15 4.77
CA GLU D 165 12.94 13.08 6.10
C GLU D 165 11.65 13.89 6.19
N GLN D 166 11.79 15.21 6.30
CA GLN D 166 10.63 16.10 6.45
C GLN D 166 9.67 15.95 5.30
N ASN D 167 8.48 16.51 5.48
CA ASN D 167 7.45 16.45 4.46
C ASN D 167 7.90 17.24 3.24
N ILE D 168 7.31 16.93 2.10
CA ILE D 168 7.64 17.57 0.84
C ILE D 168 7.59 19.09 0.89
N ASN D 169 6.69 19.65 1.68
CA ASN D 169 6.60 21.10 1.75
C ASN D 169 7.81 21.76 2.39
N GLU D 170 8.32 21.14 3.45
CA GLU D 170 9.47 21.67 4.14
C GLU D 170 10.70 21.52 3.22
N ARG D 171 10.73 20.45 2.45
CA ARG D 171 11.83 20.25 1.52
C ARG D 171 11.80 21.37 0.49
N ILE D 172 10.68 21.51 -0.20
CA ILE D 172 10.53 22.56 -1.20
C ILE D 172 10.88 23.95 -0.67
N LYS D 173 10.71 24.15 0.63
CA LYS D 173 11.00 25.45 1.21
C LYS D 173 12.51 25.62 1.26
N LEU D 174 13.22 24.55 1.62
CA LEU D 174 14.69 24.60 1.65
C LEU D 174 15.24 24.76 0.24
N MET D 175 14.69 24.00 -0.70
CA MET D 175 15.13 24.07 -2.09
C MET D 175 14.98 25.47 -2.67
N ASN D 176 13.92 26.17 -2.30
CA ASN D 176 13.71 27.51 -2.81
C ASN D 176 14.73 28.47 -2.22
N LYS D 177 15.06 28.29 -0.95
CA LYS D 177 16.04 29.15 -0.30
C LYS D 177 17.37 28.94 -1.02
N PHE D 178 17.72 27.68 -1.26
CA PHE D 178 18.95 27.38 -1.95
C PHE D 178 18.89 28.06 -3.30
N SER D 179 17.92 27.68 -4.13
CA SER D 179 17.81 28.27 -5.44
C SER D 179 18.02 29.78 -5.38
N GLN D 180 17.46 30.42 -4.36
CA GLN D 180 17.62 31.86 -4.23
C GLN D 180 19.06 32.19 -3.92
N ILE D 181 19.53 31.81 -2.74
CA ILE D 181 20.91 32.07 -2.35
C ILE D 181 21.84 31.86 -3.55
N PHE D 182 21.87 30.64 -4.08
CA PHE D 182 22.73 30.29 -5.19
C PHE D 182 22.61 31.22 -6.40
N LEU D 183 21.40 31.65 -6.72
CA LEU D 183 21.23 32.54 -7.86
C LEU D 183 21.76 33.91 -7.52
N ASN D 184 21.58 34.30 -6.27
CA ASN D 184 22.03 35.60 -5.81
C ASN D 184 23.56 35.71 -5.95
N GLY D 185 24.26 34.69 -5.45
CA GLY D 185 25.71 34.67 -5.51
C GLY D 185 26.24 34.73 -6.94
N LEU D 186 25.40 34.40 -7.91
CA LEU D 186 25.81 34.43 -9.31
C LEU D 186 25.73 35.82 -9.90
N SER D 187 25.92 36.84 -9.07
CA SER D 187 25.86 38.23 -9.53
C SER D 187 26.51 38.37 -10.91
S SO4 E . 20.07 -5.72 8.12
O1 SO4 E . 18.62 -5.69 7.86
O2 SO4 E . 20.32 -5.34 9.53
O3 SO4 E . 20.59 -7.07 7.86
O4 SO4 E . 20.76 -4.76 7.22
S SO4 F . 37.64 2.07 -1.31
O1 SO4 F . 39.09 2.38 -1.30
O2 SO4 F . 37.11 2.12 0.06
O3 SO4 F . 36.92 3.06 -2.15
O4 SO4 F . 37.43 0.71 -1.87
C1 BRN G . -18.39 -10.68 3.11
C2 BRN G . -18.63 -11.46 1.98
C3 BRN G . -19.24 -10.89 0.86
C4 BRN G . -19.61 -9.56 0.87
C5 BRN G . -19.37 -8.77 2.00
C6 BRN G . -18.76 -9.32 3.11
C7 BRN G . -20.26 -9.03 -0.24
NA BRN G . -21.58 -8.91 -0.26
NB BRN G . -19.55 -8.62 -1.29
N1 BRN G . -17.90 -11.27 4.19
N BRN G . -17.73 -10.65 5.26
N1' BRN G . -17.29 -11.19 6.27
C1' BRN G . -16.99 -12.48 6.36
C2' BRN G . -16.51 -12.99 7.57
C3' BRN G . -16.22 -14.34 7.70
C4' BRN G . -16.40 -15.20 6.63
C5' BRN G . -16.86 -14.72 5.42
C6' BRN G . -17.16 -13.35 5.28
C7' BRN G . -16.09 -16.56 6.76
NA' BRN G . -15.42 -17.19 5.81
NB' BRN G . -16.45 -17.22 7.86
S SO4 H . 0.18 9.21 1.08
O1 SO4 H . -0.25 10.52 1.60
O2 SO4 H . -1.00 8.31 1.01
O3 SO4 H . 1.20 8.64 1.96
O4 SO4 H . 0.73 9.39 -0.28
S SO4 I . 6.56 -3.27 -0.18
O1 SO4 I . 6.72 -4.44 0.71
O2 SO4 I . 6.00 -2.14 0.60
O3 SO4 I . 5.65 -3.60 -1.29
O4 SO4 I . 7.89 -2.89 -0.70
S SO4 J . 4.60 3.63 -17.39
O1 SO4 J . 4.43 3.09 -18.75
O2 SO4 J . 5.55 4.75 -17.41
O3 SO4 J . 3.29 4.11 -16.89
O4 SO4 J . 5.11 2.57 -16.50
S SO4 K . -6.56 -3.13 -15.80
O1 SO4 K . -6.07 -1.79 -16.18
O2 SO4 K . -5.66 -3.71 -14.78
O3 SO4 K . -7.93 -3.04 -15.25
O4 SO4 K . -6.57 -4.00 -17.00
S SO4 L . -7.83 -19.64 22.19
O1 SO4 L . -9.19 -19.52 22.77
O2 SO4 L . -6.90 -20.13 23.22
O3 SO4 L . -7.89 -20.61 21.07
O4 SO4 L . -7.35 -18.35 21.67
S SO4 M . 7.51 3.60 -2.57
O1 SO4 M . 7.25 3.10 -3.94
O2 SO4 M . 8.21 4.90 -2.65
O3 SO4 M . 6.24 3.77 -1.84
O4 SO4 M . 8.34 2.63 -1.85
S SO4 N . 25.69 -10.44 -13.39
O1 SO4 N . 26.63 -11.55 -13.12
O2 SO4 N . 25.40 -10.39 -14.84
O3 SO4 N . 24.44 -10.69 -12.65
O4 SO4 N . 26.29 -9.17 -12.97
S SO4 O . 12.43 2.19 -15.88
O1 SO4 O . 11.81 1.74 -17.13
O2 SO4 O . 11.49 3.04 -15.14
O3 SO4 O . 12.76 1.00 -15.06
O4 SO4 O . 13.66 2.93 -16.17
S SO4 P . 4.54 -4.56 -16.22
O1 SO4 P . 5.96 -4.16 -16.32
O2 SO4 P . 4.32 -5.23 -14.93
O3 SO4 P . 3.69 -3.36 -16.31
O4 SO4 P . 4.21 -5.51 -17.30
#